data_8W6B
#
_entry.id   8W6B
#
_cell.length_a   40.239
_cell.length_b   86.815
_cell.length_c   147.860
_cell.angle_alpha   90.000
_cell.angle_beta   95.737
_cell.angle_gamma   90.000
#
_symmetry.space_group_name_H-M   'P 1 21 1'
#
loop_
_entity.id
_entity.type
_entity.pdbx_description
1 polymer 'Tax1-binding protein 1'
2 polymer 'RB1-inducible coiled-coil protein 1'
3 water water
#
loop_
_entity_poly.entity_id
_entity_poly.type
_entity_poly.pdbx_seq_one_letter_code
_entity_poly.pdbx_strand_id
1 'polypeptide(L)'
;MTSFQEVPLQTSNFAHVIFQNVAKSYLPNAHLECHYTLTPYIHPHPKDWVGIFKVGWSTARDYYTFLWSPMPEHYVEGST
VNCVLAFQGYYLPNDDGEFYQFCYVTHKGEIRGASTPFQFR
;
A,B,E,F
2 'polypeptide(L)' GSEFKENIINDLSDKLKSTMQQQERDKDLIESLSEDRARLLEEKKKLEEEVSKLRSS C,D,G,H
#
# COMPACT_ATOMS: atom_id res chain seq x y z
N PHE A 14 -7.15 -41.88 -8.16
CA PHE A 14 -6.57 -41.03 -9.20
C PHE A 14 -7.46 -39.86 -9.45
N ALA A 15 -8.45 -39.73 -8.59
CA ALA A 15 -9.01 -38.44 -8.21
C ALA A 15 -8.64 -38.37 -6.74
N HIS A 16 -7.44 -37.86 -6.47
CA HIS A 16 -7.14 -37.35 -5.15
C HIS A 16 -7.62 -35.92 -4.99
N VAL A 17 -8.06 -35.29 -6.08
CA VAL A 17 -8.63 -33.95 -6.09
C VAL A 17 -9.98 -34.03 -6.79
N ILE A 18 -11.00 -33.46 -6.16
CA ILE A 18 -12.36 -33.59 -6.64
C ILE A 18 -12.90 -32.20 -6.90
N PHE A 19 -13.17 -31.89 -8.16
CA PHE A 19 -13.84 -30.63 -8.46
C PHE A 19 -15.32 -30.72 -8.10
N GLN A 20 -15.86 -29.63 -7.57
CA GLN A 20 -17.21 -29.53 -7.04
C GLN A 20 -17.99 -28.45 -7.79
N ASN A 21 -19.30 -28.62 -7.86
CA ASN A 21 -20.21 -27.59 -8.40
C ASN A 21 -19.75 -27.13 -9.79
N VAL A 22 -19.37 -28.08 -10.63
CA VAL A 22 -18.93 -27.80 -11.99
C VAL A 22 -20.16 -27.71 -12.88
N ALA A 23 -20.52 -26.49 -13.28
CA ALA A 23 -21.60 -26.22 -14.24
C ALA A 23 -21.39 -26.99 -15.56
N LYS A 24 -22.44 -27.02 -16.37
CA LYS A 24 -22.26 -27.55 -17.72
C LYS A 24 -21.81 -26.48 -18.71
N SER A 25 -21.79 -25.21 -18.31
CA SER A 25 -21.36 -24.14 -19.18
C SER A 25 -21.02 -22.93 -18.33
N TYR A 26 -20.10 -22.09 -18.83
CA TYR A 26 -19.80 -20.81 -18.19
C TYR A 26 -19.84 -19.71 -19.22
N LEU A 27 -20.26 -18.54 -18.80
CA LEU A 27 -20.32 -17.40 -19.71
C LEU A 27 -18.92 -16.99 -20.15
N PRO A 28 -18.69 -16.76 -21.45
CA PRO A 28 -17.35 -16.37 -21.90
C PRO A 28 -16.93 -15.03 -21.32
N ASN A 29 -15.63 -14.89 -21.07
CA ASN A 29 -15.02 -13.65 -20.59
C ASN A 29 -15.78 -13.09 -19.39
N ALA A 30 -16.14 -13.98 -18.48
CA ALA A 30 -16.80 -13.63 -17.23
C ALA A 30 -16.06 -14.31 -16.09
N HIS A 31 -15.80 -13.57 -15.02
CA HIS A 31 -15.06 -14.13 -13.89
C HIS A 31 -15.72 -15.42 -13.42
N LEU A 32 -14.89 -16.39 -13.06
CA LEU A 32 -15.33 -17.74 -12.74
C LEU A 32 -14.66 -18.19 -11.43
N GLU A 33 -15.32 -19.09 -10.71
CA GLU A 33 -14.75 -19.71 -9.51
C GLU A 33 -14.69 -21.21 -9.70
N CYS A 34 -13.51 -21.79 -9.44
CA CYS A 34 -13.24 -23.23 -9.51
C CYS A 34 -13.19 -23.75 -8.07
N HIS A 35 -14.12 -24.64 -7.74
CA HIS A 35 -14.19 -25.24 -6.40
C HIS A 35 -13.63 -26.65 -6.46
N TYR A 36 -12.68 -26.96 -5.57
CA TYR A 36 -12.17 -28.31 -5.55
C TYR A 36 -11.75 -28.72 -4.14
N THR A 37 -11.60 -30.04 -3.97
CA THR A 37 -11.37 -30.67 -2.68
C THR A 37 -10.11 -31.52 -2.74
N LEU A 38 -9.15 -31.22 -1.86
CA LEU A 38 -8.02 -32.10 -1.61
C LEU A 38 -8.45 -33.18 -0.61
N THR A 39 -8.53 -34.42 -1.07
CA THR A 39 -8.76 -35.54 -0.20
C THR A 39 -7.52 -35.82 0.65
N PRO A 40 -7.64 -36.56 1.76
CA PRO A 40 -6.44 -36.89 2.54
C PRO A 40 -5.35 -37.55 1.72
N TYR A 41 -5.69 -38.10 0.56
CA TYR A 41 -4.76 -38.93 -0.19
C TYR A 41 -3.73 -38.13 -0.97
N ILE A 42 -3.83 -36.79 -0.98
CA ILE A 42 -2.91 -35.92 -1.70
C ILE A 42 -2.28 -34.96 -0.71
N HIS A 43 -0.96 -34.81 -0.78
CA HIS A 43 -0.32 -33.76 -0.01
C HIS A 43 -0.08 -32.59 -0.93
N PRO A 44 -0.77 -31.47 -0.75
CA PRO A 44 -0.63 -30.35 -1.70
C PRO A 44 0.78 -29.77 -1.68
N HIS A 45 1.16 -29.21 -2.83
CA HIS A 45 2.50 -28.67 -3.04
C HIS A 45 2.38 -27.29 -3.70
N PRO A 46 3.29 -26.35 -3.37
CA PRO A 46 3.12 -24.97 -3.88
C PRO A 46 3.23 -24.85 -5.39
N LYS A 47 3.81 -25.84 -6.07
CA LYS A 47 3.87 -25.90 -7.52
C LYS A 47 2.85 -26.86 -8.11
N ASP A 48 1.82 -27.25 -7.35
CA ASP A 48 0.64 -27.85 -7.95
C ASP A 48 -0.14 -26.78 -8.68
N TRP A 49 -0.96 -27.20 -9.64
CA TRP A 49 -1.75 -26.21 -10.35
C TRP A 49 -3.05 -26.77 -10.91
N VAL A 50 -3.95 -25.84 -11.24
CA VAL A 50 -5.22 -26.15 -11.88
C VAL A 50 -5.21 -25.51 -13.25
N GLY A 51 -5.43 -26.33 -14.27
CA GLY A 51 -5.56 -25.84 -15.63
C GLY A 51 -6.96 -26.00 -16.20
N ILE A 52 -7.28 -25.21 -17.20
CA ILE A 52 -8.41 -25.48 -18.07
C ILE A 52 -7.86 -26.18 -19.30
N PHE A 53 -8.37 -27.39 -19.56
CA PHE A 53 -7.91 -28.26 -20.64
C PHE A 53 -9.07 -28.54 -21.60
N LYS A 54 -8.82 -28.39 -22.89
CA LYS A 54 -9.76 -28.90 -23.87
C LYS A 54 -9.86 -30.42 -23.69
N VAL A 55 -11.09 -30.93 -23.79
CA VAL A 55 -11.31 -32.36 -23.70
C VAL A 55 -10.51 -33.07 -24.78
N GLY A 56 -9.85 -34.16 -24.41
CA GLY A 56 -9.00 -34.89 -25.33
C GLY A 56 -7.52 -34.58 -25.15
N TRP A 57 -7.16 -33.78 -24.15
CA TRP A 57 -5.76 -33.57 -23.79
C TRP A 57 -5.04 -34.89 -23.60
N SER A 58 -3.74 -34.88 -23.92
CA SER A 58 -2.84 -36.03 -23.72
C SER A 58 -1.92 -35.86 -22.51
N THR A 59 -1.33 -34.68 -22.35
CA THR A 59 -0.29 -34.43 -21.34
C THR A 59 -0.59 -33.09 -20.69
N ALA A 60 0.18 -32.79 -19.64
CA ALA A 60 -0.04 -31.53 -18.97
C ALA A 60 0.33 -30.33 -19.83
N ARG A 61 1.07 -30.53 -20.93
CA ARG A 61 1.35 -29.37 -21.77
C ARG A 61 0.10 -28.86 -22.47
N ASP A 62 -0.97 -29.65 -22.55
CA ASP A 62 -2.14 -29.26 -23.33
C ASP A 62 -3.05 -28.26 -22.61
N TYR A 63 -2.64 -27.65 -21.51
CA TYR A 63 -3.48 -26.67 -20.83
C TYR A 63 -3.78 -25.47 -21.73
N TYR A 64 -4.89 -24.79 -21.42
CA TYR A 64 -5.27 -23.54 -22.07
C TYR A 64 -4.73 -22.33 -21.33
N THR A 65 -5.18 -22.15 -20.10
CA THR A 65 -4.49 -21.32 -19.12
C THR A 65 -4.40 -22.11 -17.81
N PHE A 66 -3.68 -21.55 -16.86
CA PHE A 66 -3.57 -22.21 -15.56
C PHE A 66 -3.39 -21.18 -14.46
N LEU A 67 -3.60 -21.65 -13.21
CA LEU A 67 -3.29 -20.91 -12.00
C LEU A 67 -2.66 -21.87 -11.00
N TRP A 68 -1.63 -21.42 -10.27
CA TRP A 68 -1.09 -22.25 -9.19
C TRP A 68 -2.17 -22.51 -8.15
N SER A 69 -2.20 -23.73 -7.64
CA SER A 69 -3.10 -24.02 -6.53
C SER A 69 -2.43 -23.53 -5.24
N PRO A 70 -2.96 -22.49 -4.59
CA PRO A 70 -2.35 -22.02 -3.33
C PRO A 70 -2.25 -23.11 -2.28
N MET A 71 -1.16 -23.11 -1.52
CA MET A 71 -1.04 -24.05 -0.42
C MET A 71 -2.09 -23.72 0.61
N PRO A 72 -2.93 -24.67 1.01
CA PRO A 72 -3.83 -24.42 2.13
C PRO A 72 -3.06 -23.91 3.34
N GLU A 73 -3.62 -22.92 4.02
CA GLU A 73 -3.01 -22.40 5.23
C GLU A 73 -3.00 -23.46 6.32
N HIS A 74 -1.87 -23.55 7.03
CA HIS A 74 -1.72 -24.40 8.20
C HIS A 74 -2.14 -25.83 7.89
N TYR A 75 -1.54 -26.37 6.83
CA TYR A 75 -1.95 -27.69 6.33
C TYR A 75 -1.67 -28.77 7.36
N VAL A 76 -2.55 -29.77 7.38
CA VAL A 76 -2.45 -30.93 8.26
C VAL A 76 -2.56 -32.19 7.41
N GLU A 77 -1.54 -33.04 7.47
CA GLU A 77 -1.59 -34.33 6.78
C GLU A 77 -2.81 -35.12 7.24
N GLY A 78 -3.52 -35.70 6.27
CA GLY A 78 -4.71 -36.48 6.54
C GLY A 78 -6.02 -35.71 6.43
N SER A 79 -5.96 -34.40 6.19
CA SER A 79 -7.15 -33.59 6.24
C SER A 79 -7.76 -33.46 4.84
N THR A 80 -9.04 -33.16 4.83
CA THR A 80 -9.80 -32.89 3.61
C THR A 80 -10.01 -31.39 3.52
N VAL A 81 -9.49 -30.77 2.46
CA VAL A 81 -9.38 -29.31 2.38
C VAL A 81 -10.10 -28.81 1.14
N ASN A 82 -11.09 -27.92 1.35
CA ASN A 82 -11.88 -27.30 0.30
C ASN A 82 -11.21 -26.03 -0.18
N CYS A 83 -11.13 -25.86 -1.51
CA CYS A 83 -10.42 -24.74 -2.12
C CYS A 83 -11.24 -24.06 -3.20
N VAL A 84 -10.92 -22.78 -3.45
CA VAL A 84 -11.49 -22.00 -4.53
C VAL A 84 -10.36 -21.26 -5.25
N LEU A 85 -10.36 -21.36 -6.57
CA LEU A 85 -9.56 -20.53 -7.46
C LEU A 85 -10.48 -19.65 -8.30
N ALA A 86 -10.14 -18.37 -8.41
CA ALA A 86 -10.90 -17.46 -9.25
C ALA A 86 -10.18 -17.30 -10.59
N PHE A 87 -10.86 -17.64 -11.67
CA PHE A 87 -10.35 -17.45 -13.01
C PHE A 87 -10.93 -16.19 -13.60
N GLN A 88 -10.07 -15.23 -13.95
CA GLN A 88 -10.54 -14.02 -14.60
C GLN A 88 -11.10 -14.36 -15.98
N GLY A 89 -12.03 -13.52 -16.44
CA GLY A 89 -12.64 -13.74 -17.74
C GLY A 89 -11.61 -13.91 -18.86
N TYR A 90 -10.48 -13.16 -18.78
CA TYR A 90 -9.48 -13.21 -19.85
C TYR A 90 -8.55 -14.42 -19.79
N TYR A 91 -8.74 -15.31 -18.81
CA TYR A 91 -8.08 -16.62 -18.81
C TYR A 91 -8.89 -17.66 -19.58
N LEU A 92 -10.09 -17.30 -20.09
CA LEU A 92 -10.98 -18.39 -20.46
C LEU A 92 -11.07 -18.59 -21.97
N PRO A 93 -11.20 -19.84 -22.42
CA PRO A 93 -11.50 -20.10 -23.83
C PRO A 93 -12.68 -19.28 -24.33
N ASN A 94 -12.72 -19.12 -25.65
CA ASN A 94 -13.82 -18.45 -26.33
C ASN A 94 -15.03 -19.38 -26.43
N ASP A 95 -16.14 -18.79 -26.88
CA ASP A 95 -17.34 -19.50 -27.28
C ASP A 95 -17.07 -20.18 -28.61
N ASP A 96 -16.36 -21.31 -28.56
CA ASP A 96 -15.85 -21.96 -29.76
C ASP A 96 -16.50 -23.31 -30.06
N GLY A 97 -17.51 -23.74 -29.30
CA GLY A 97 -18.10 -25.04 -29.52
C GLY A 97 -17.30 -26.23 -29.01
N GLU A 98 -16.16 -26.02 -28.38
CA GLU A 98 -15.38 -27.10 -27.80
C GLU A 98 -15.70 -27.26 -26.32
N PHE A 99 -15.45 -28.47 -25.80
CA PHE A 99 -15.66 -28.78 -24.39
C PHE A 99 -14.32 -28.78 -23.64
N TYR A 100 -14.39 -28.34 -22.38
CA TYR A 100 -13.22 -28.15 -21.54
C TYR A 100 -13.45 -28.83 -20.19
N GLN A 101 -12.37 -29.03 -19.44
CA GLN A 101 -12.51 -29.50 -18.07
C GLN A 101 -11.45 -28.82 -17.21
N PHE A 102 -11.71 -28.78 -15.91
CA PHE A 102 -10.64 -28.46 -14.95
C PHE A 102 -9.78 -29.68 -14.69
N CYS A 103 -8.48 -29.46 -14.50
CA CYS A 103 -7.57 -30.53 -14.14
C CYS A 103 -6.60 -30.08 -13.07
N TYR A 104 -6.30 -30.99 -12.16
CA TYR A 104 -5.35 -30.78 -11.08
C TYR A 104 -4.06 -31.46 -11.46
N VAL A 105 -3.01 -30.66 -11.64
CA VAL A 105 -1.68 -31.16 -12.01
C VAL A 105 -0.74 -30.98 -10.83
N THR A 106 -0.09 -32.05 -10.42
CA THR A 106 0.90 -31.95 -9.35
C THR A 106 2.21 -31.40 -9.90
N HIS A 107 3.10 -31.07 -8.96
CA HIS A 107 4.43 -30.61 -9.32
C HIS A 107 5.22 -31.67 -10.07
N LYS A 108 4.87 -32.95 -9.94
CA LYS A 108 5.50 -33.96 -10.78
C LYS A 108 4.89 -34.05 -12.18
N GLY A 109 3.86 -33.28 -12.50
CA GLY A 109 3.26 -33.36 -13.81
C GLY A 109 2.13 -34.35 -13.97
N GLU A 110 1.76 -35.09 -12.93
CA GLU A 110 0.66 -36.05 -13.04
C GLU A 110 -0.68 -35.35 -12.79
N ILE A 111 -1.66 -35.66 -13.63
CA ILE A 111 -3.04 -35.20 -13.43
C ILE A 111 -3.68 -36.05 -12.36
N ARG A 112 -4.15 -35.42 -11.29
CA ARG A 112 -4.77 -36.13 -10.18
C ARG A 112 -6.21 -35.67 -9.93
N GLY A 113 -6.80 -34.97 -10.89
CA GLY A 113 -8.18 -34.57 -10.82
C GLY A 113 -8.64 -34.10 -12.18
N ALA A 114 -9.81 -34.56 -12.65
CA ALA A 114 -10.36 -34.19 -13.94
C ALA A 114 -11.87 -34.03 -13.78
N SER A 115 -12.35 -32.80 -13.93
CA SER A 115 -13.77 -32.48 -13.76
C SER A 115 -14.59 -32.96 -14.94
N THR A 116 -15.92 -32.91 -14.76
CA THR A 116 -16.85 -33.09 -15.86
C THR A 116 -16.67 -31.97 -16.89
N PRO A 117 -16.97 -32.23 -18.17
CA PRO A 117 -16.71 -31.21 -19.20
C PRO A 117 -17.73 -30.07 -19.15
N PHE A 118 -17.33 -28.95 -19.74
CA PHE A 118 -18.21 -27.80 -19.86
C PHE A 118 -17.87 -27.03 -21.12
N GLN A 119 -18.76 -26.11 -21.49
CA GLN A 119 -18.53 -25.24 -22.63
C GLN A 119 -18.51 -23.80 -22.17
N PHE A 120 -17.81 -22.98 -22.91
CA PHE A 120 -17.86 -21.54 -22.69
C PHE A 120 -18.86 -20.93 -23.66
N ARG A 121 -20.02 -20.57 -23.13
CA ARG A 121 -21.17 -20.08 -23.90
C ARG A 121 -22.21 -19.64 -22.91
N ALA B 15 9.85 0.17 -43.54
CA ALA B 15 10.95 1.13 -43.36
C ALA B 15 10.44 2.49 -42.87
N HIS B 16 9.14 2.60 -42.62
CA HIS B 16 8.51 3.86 -42.22
C HIS B 16 8.50 4.09 -40.71
N VAL B 17 8.99 3.13 -39.92
CA VAL B 17 9.13 3.28 -38.47
C VAL B 17 10.57 2.96 -38.11
N ILE B 18 11.20 3.86 -37.36
CA ILE B 18 12.62 3.77 -37.03
C ILE B 18 12.76 3.47 -35.55
N PHE B 19 13.35 2.35 -35.21
CA PHE B 19 13.69 2.06 -33.82
C PHE B 19 15.03 2.69 -33.47
N GLN B 20 15.12 3.25 -32.26
CA GLN B 20 16.26 4.07 -31.88
C GLN B 20 16.96 3.54 -30.63
N ASN B 21 18.27 3.73 -30.58
CA ASN B 21 19.06 3.45 -29.38
C ASN B 21 18.93 2.00 -28.94
N VAL B 22 18.84 1.10 -29.92
CA VAL B 22 18.64 -0.33 -29.68
C VAL B 22 19.98 -0.96 -29.33
N ALA B 23 20.09 -1.46 -28.10
CA ALA B 23 21.35 -2.04 -27.68
C ALA B 23 21.59 -3.36 -28.39
N LYS B 24 22.81 -3.87 -28.28
CA LYS B 24 23.09 -5.19 -28.82
C LYS B 24 22.77 -6.30 -27.83
N SER B 25 22.45 -5.96 -26.58
CA SER B 25 22.06 -6.90 -25.57
C SER B 25 21.15 -6.19 -24.55
N TYR B 26 20.30 -6.98 -23.87
CA TYR B 26 19.48 -6.47 -22.77
C TYR B 26 19.44 -7.52 -21.66
N LEU B 27 19.57 -7.06 -20.41
CA LEU B 27 19.45 -7.97 -19.27
C LEU B 27 18.11 -8.71 -19.32
N PRO B 28 18.10 -10.05 -19.23
CA PRO B 28 16.83 -10.78 -19.09
C PRO B 28 16.09 -10.35 -17.82
N ASN B 29 14.77 -10.47 -17.85
CA ASN B 29 13.93 -10.29 -16.64
C ASN B 29 14.16 -8.92 -16.01
N ALA B 30 14.43 -7.92 -16.83
CA ALA B 30 14.59 -6.54 -16.40
C ALA B 30 13.83 -5.62 -17.36
N HIS B 31 13.13 -4.63 -16.81
CA HIS B 31 12.36 -3.72 -17.65
C HIS B 31 13.24 -3.13 -18.75
N LEU B 32 12.62 -2.61 -19.78
CA LEU B 32 13.31 -2.24 -21.00
C LEU B 32 12.47 -1.19 -21.69
N GLU B 33 13.13 -0.27 -22.39
CA GLU B 33 12.42 0.81 -23.08
C GLU B 33 12.74 0.75 -24.57
N CYS B 34 11.69 0.62 -25.37
CA CYS B 34 11.77 0.55 -26.82
C CYS B 34 11.44 1.92 -27.39
N HIS B 35 12.45 2.59 -27.96
CA HIS B 35 12.29 3.93 -28.52
C HIS B 35 12.16 3.86 -30.04
N TYR B 36 11.12 4.50 -30.57
CA TYR B 36 10.94 4.48 -32.01
C TYR B 36 10.36 5.81 -32.49
N THR B 37 10.43 6.01 -33.79
CA THR B 37 9.94 7.23 -34.40
C THR B 37 8.99 6.89 -35.55
N LEU B 38 7.85 7.57 -35.57
CA LEU B 38 6.91 7.48 -36.67
C LEU B 38 7.26 8.56 -37.67
N THR B 39 7.80 8.16 -38.81
CA THR B 39 8.11 9.09 -39.87
C THR B 39 6.83 9.52 -40.58
N PRO B 40 6.86 10.60 -41.35
CA PRO B 40 5.64 11.05 -42.06
C PRO B 40 5.05 10.00 -42.98
N TYR B 41 5.84 9.00 -43.38
CA TYR B 41 5.38 7.99 -44.31
C TYR B 41 4.30 7.09 -43.73
N ILE B 42 4.07 7.13 -42.42
CA ILE B 42 3.08 6.29 -41.77
C ILE B 42 2.10 7.17 -40.99
N HIS B 43 0.83 6.74 -40.94
CA HIS B 43 -0.12 7.29 -39.98
C HIS B 43 -0.39 6.23 -38.93
N PRO B 44 -0.19 6.51 -37.63
CA PRO B 44 -0.38 5.45 -36.62
C PRO B 44 -1.85 5.11 -36.45
N HIS B 45 -2.10 3.89 -35.97
CA HIS B 45 -3.42 3.31 -35.74
C HIS B 45 -3.43 2.67 -34.37
N PRO B 46 -4.54 2.80 -33.63
CA PRO B 46 -4.59 2.20 -32.29
C PRO B 46 -4.29 0.72 -32.25
N LYS B 47 -4.54 -0.03 -33.34
CA LYS B 47 -4.24 -1.45 -33.36
C LYS B 47 -2.93 -1.77 -34.09
N ASP B 48 -2.07 -0.78 -34.30
CA ASP B 48 -0.66 -1.06 -34.47
C ASP B 48 -0.08 -1.57 -33.16
N TRP B 49 0.96 -2.40 -33.26
CA TRP B 49 1.63 -2.93 -32.08
C TRP B 49 3.12 -3.05 -32.36
N VAL B 50 3.88 -3.18 -31.29
CA VAL B 50 5.31 -3.46 -31.39
C VAL B 50 5.55 -4.82 -30.78
N GLY B 51 6.13 -5.72 -31.56
CA GLY B 51 6.45 -7.05 -31.09
C GLY B 51 7.94 -7.31 -30.94
N ILE B 52 8.27 -8.26 -30.06
CA ILE B 52 9.60 -8.84 -30.00
C ILE B 52 9.58 -10.12 -30.79
N PHE B 53 10.43 -10.22 -31.81
CA PHE B 53 10.47 -11.39 -32.68
C PHE B 53 11.84 -12.04 -32.63
N LYS B 54 11.88 -13.35 -32.63
CA LYS B 54 13.10 -14.07 -32.94
C LYS B 54 13.57 -13.72 -34.34
N VAL B 55 14.85 -13.39 -34.50
CA VAL B 55 15.40 -13.14 -35.82
C VAL B 55 15.14 -14.37 -36.68
N GLY B 56 14.72 -14.14 -37.92
CA GLY B 56 14.38 -15.23 -38.80
C GLY B 56 12.90 -15.55 -38.87
N TRP B 57 12.06 -14.79 -38.18
CA TRP B 57 10.61 -14.88 -38.30
C TRP B 57 10.11 -14.84 -39.75
N SER B 58 8.89 -15.32 -40.01
CA SER B 58 8.29 -15.31 -41.34
C SER B 58 7.09 -14.39 -41.45
N THR B 59 6.18 -14.42 -40.48
CA THR B 59 4.93 -13.66 -40.51
C THR B 59 4.76 -12.93 -39.18
N ALA B 60 3.69 -12.12 -39.07
CA ALA B 60 3.38 -11.48 -37.79
C ALA B 60 3.01 -12.48 -36.72
N ARG B 61 2.61 -13.69 -37.10
CA ARG B 61 2.24 -14.68 -36.10
C ARG B 61 3.43 -15.12 -35.21
N ASP B 62 4.66 -14.77 -35.58
CA ASP B 62 5.84 -15.24 -34.88
C ASP B 62 6.32 -14.29 -33.77
N TYR B 63 5.50 -13.35 -33.32
CA TYR B 63 5.93 -12.56 -32.17
C TYR B 63 6.22 -13.47 -30.97
N TYR B 64 7.10 -13.01 -30.09
CA TYR B 64 7.28 -13.63 -28.79
C TYR B 64 6.27 -13.05 -27.80
N THR B 65 6.33 -11.74 -27.62
CA THR B 65 5.32 -10.94 -26.94
C THR B 65 5.18 -9.63 -27.69
N PHE B 66 4.21 -8.82 -27.28
CA PHE B 66 3.93 -7.56 -27.96
C PHE B 66 3.23 -6.61 -27.01
N LEU B 67 3.33 -5.31 -27.32
CA LEU B 67 2.48 -4.30 -26.71
C LEU B 67 1.81 -3.52 -27.84
N TRP B 68 0.55 -3.13 -27.64
CA TRP B 68 -0.04 -2.14 -28.56
C TRP B 68 0.78 -0.87 -28.54
N SER B 69 0.87 -0.21 -29.70
CA SER B 69 1.58 1.05 -29.79
C SER B 69 0.63 2.17 -29.40
N PRO B 70 0.86 2.87 -28.30
CA PRO B 70 -0.03 3.98 -27.92
C PRO B 70 -0.11 5.04 -29.00
N MET B 71 -1.34 5.35 -29.38
CA MET B 71 -1.65 6.35 -30.39
C MET B 71 -1.14 7.73 -29.96
N PRO B 72 -0.25 8.36 -30.72
CA PRO B 72 0.28 9.67 -30.32
C PRO B 72 -0.84 10.67 -30.11
N GLU B 73 -0.69 11.49 -29.07
CA GLU B 73 -1.72 12.47 -28.75
C GLU B 73 -1.63 13.66 -29.70
N HIS B 74 -2.80 14.13 -30.16
CA HIS B 74 -2.92 15.27 -31.08
C HIS B 74 -2.12 15.04 -32.36
N TYR B 75 -2.27 13.86 -32.95
CA TYR B 75 -1.48 13.53 -34.12
C TYR B 75 -1.84 14.43 -35.30
N VAL B 76 -0.81 14.90 -36.00
CA VAL B 76 -0.96 15.67 -37.23
C VAL B 76 -0.38 14.83 -38.38
N GLU B 77 -1.09 14.76 -39.50
CA GLU B 77 -0.54 14.00 -40.62
C GLU B 77 0.67 14.72 -41.19
N GLY B 78 1.62 13.94 -41.71
CA GLY B 78 2.92 14.46 -42.04
C GLY B 78 3.87 14.57 -40.87
N SER B 79 3.45 14.18 -39.67
CA SER B 79 4.21 14.36 -38.44
C SER B 79 5.48 13.51 -38.45
N THR B 80 6.39 13.84 -37.52
CA THR B 80 7.49 12.96 -37.09
C THR B 80 7.43 12.91 -35.57
N VAL B 81 7.00 11.78 -35.01
CA VAL B 81 6.69 11.67 -33.59
C VAL B 81 7.55 10.57 -32.96
N ASN B 82 8.10 10.87 -31.79
CA ASN B 82 8.92 9.96 -31.01
C ASN B 82 8.04 9.29 -29.98
N CYS B 83 8.31 8.01 -29.75
CA CYS B 83 7.50 7.17 -28.91
C CYS B 83 8.41 6.29 -28.06
N VAL B 84 7.86 5.79 -26.96
CA VAL B 84 8.54 4.80 -26.14
C VAL B 84 7.49 3.92 -25.49
N LEU B 85 7.73 2.62 -25.55
CA LEU B 85 6.97 1.62 -24.83
C LEU B 85 7.90 0.96 -23.82
N ALA B 86 7.35 0.55 -22.69
CA ALA B 86 8.15 -0.13 -21.68
C ALA B 86 7.75 -1.59 -21.63
N PHE B 87 8.67 -2.48 -21.99
CA PHE B 87 8.47 -3.92 -21.82
C PHE B 87 8.89 -4.35 -20.41
N GLN B 88 7.96 -4.93 -19.66
CA GLN B 88 8.37 -5.45 -18.36
C GLN B 88 9.30 -6.64 -18.57
N GLY B 89 10.09 -6.92 -17.54
CA GLY B 89 10.98 -8.06 -17.59
C GLY B 89 10.26 -9.33 -17.98
N TYR B 90 9.07 -9.56 -17.42
CA TYR B 90 8.37 -10.82 -17.74
C TYR B 90 7.77 -10.84 -19.12
N TYR B 91 7.96 -9.80 -19.95
CA TYR B 91 7.64 -9.92 -21.38
C TYR B 91 8.80 -10.47 -22.20
N LEU B 92 9.99 -10.63 -21.58
CA LEU B 92 11.15 -10.78 -22.42
C LEU B 92 11.55 -12.23 -22.56
N PRO B 93 12.15 -12.59 -23.69
CA PRO B 93 12.75 -13.92 -23.80
C PRO B 93 13.81 -14.14 -22.73
N ASN B 94 14.10 -15.42 -22.49
CA ASN B 94 15.14 -15.75 -21.53
C ASN B 94 16.52 -15.66 -22.20
N ASP B 95 17.56 -15.89 -21.40
CA ASP B 95 18.92 -15.95 -21.91
C ASP B 95 19.08 -17.28 -22.62
N ASP B 96 18.61 -17.32 -23.87
CA ASP B 96 18.54 -18.55 -24.65
C ASP B 96 19.55 -18.60 -25.79
N GLY B 97 20.45 -17.61 -25.90
CA GLY B 97 21.43 -17.60 -26.94
C GLY B 97 20.92 -17.19 -28.30
N GLU B 98 19.66 -16.79 -28.41
CA GLU B 98 19.07 -16.43 -29.68
C GLU B 98 19.10 -14.91 -29.89
N PHE B 99 18.93 -14.52 -31.14
CA PHE B 99 18.86 -13.11 -31.49
C PHE B 99 17.40 -12.72 -31.69
N TYR B 100 17.05 -11.51 -31.26
CA TYR B 100 15.71 -10.99 -31.40
C TYR B 100 15.79 -9.57 -31.96
N GLN B 101 14.64 -9.04 -32.36
CA GLN B 101 14.54 -7.63 -32.72
C GLN B 101 13.14 -7.12 -32.34
N PHE B 102 12.99 -5.80 -32.34
CA PHE B 102 11.68 -5.17 -32.36
C PHE B 102 11.14 -5.06 -33.78
N CYS B 103 9.83 -5.26 -33.93
CA CYS B 103 9.14 -5.04 -35.19
C CYS B 103 7.85 -4.27 -34.94
N TYR B 104 7.60 -3.27 -35.81
CA TYR B 104 6.39 -2.46 -35.80
C TYR B 104 5.41 -3.06 -36.79
N VAL B 105 4.25 -3.52 -36.30
CA VAL B 105 3.21 -4.12 -37.12
C VAL B 105 2.00 -3.20 -37.14
N THR B 106 1.45 -2.97 -38.34
CA THR B 106 0.28 -2.13 -38.47
C THR B 106 -0.99 -2.95 -38.17
N HIS B 107 -2.09 -2.24 -37.96
CA HIS B 107 -3.37 -2.93 -37.86
C HIS B 107 -3.69 -3.71 -39.13
N LYS B 108 -3.15 -3.27 -40.28
CA LYS B 108 -3.34 -4.02 -41.52
C LYS B 108 -2.44 -5.26 -41.60
N GLY B 109 -1.50 -5.42 -40.69
CA GLY B 109 -0.71 -6.63 -40.62
C GLY B 109 0.64 -6.58 -41.32
N GLU B 110 1.04 -5.42 -41.82
CA GLU B 110 2.35 -5.28 -42.46
C GLU B 110 3.35 -4.74 -41.45
N ILE B 111 4.55 -5.33 -41.46
CA ILE B 111 5.69 -4.71 -40.77
C ILE B 111 6.03 -3.39 -41.47
N ARG B 112 6.61 -2.47 -40.73
CA ARG B 112 6.95 -1.13 -41.22
C ARG B 112 8.20 -0.62 -40.50
N GLY B 113 8.81 -1.45 -39.67
CA GLY B 113 9.95 -1.08 -38.87
C GLY B 113 10.50 -2.36 -38.26
N ALA B 114 11.82 -2.51 -38.30
CA ALA B 114 12.50 -3.65 -37.73
C ALA B 114 13.81 -3.12 -37.18
N SER B 115 14.12 -3.47 -35.94
CA SER B 115 15.28 -2.90 -35.26
C SER B 115 16.52 -3.71 -35.59
N THR B 116 17.68 -3.20 -35.18
CA THR B 116 18.86 -4.05 -35.18
C THR B 116 18.67 -5.16 -34.14
N PRO B 117 19.35 -6.29 -34.30
CA PRO B 117 19.12 -7.42 -33.38
C PRO B 117 19.88 -7.27 -32.07
N PHE B 118 19.44 -8.08 -31.09
CA PHE B 118 20.00 -8.09 -29.75
C PHE B 118 19.75 -9.44 -29.11
N GLN B 119 20.57 -9.77 -28.12
CA GLN B 119 20.38 -10.98 -27.32
C GLN B 119 19.98 -10.60 -25.90
N PHE B 120 19.31 -11.51 -25.23
CA PHE B 120 18.93 -11.31 -23.84
C PHE B 120 19.97 -12.03 -23.00
N ARG B 121 20.91 -11.25 -22.48
CA ARG B 121 22.01 -11.79 -21.69
C ARG B 121 22.65 -10.62 -20.95
N GLY C 1 -7.66 15.90 7.52
CA GLY C 1 -6.53 15.34 6.79
C GLY C 1 -5.27 16.19 6.89
N SER C 2 -4.13 15.62 6.52
CA SER C 2 -2.83 16.27 6.66
C SER C 2 -2.02 16.07 5.38
N GLU C 3 -0.84 16.71 5.33
CA GLU C 3 0.06 16.51 4.19
C GLU C 3 0.73 15.14 4.22
N PHE C 4 1.11 14.67 5.41
CA PHE C 4 1.66 13.31 5.54
C PHE C 4 0.73 12.29 4.92
N LYS C 5 -0.57 12.43 5.19
CA LYS C 5 -1.55 11.48 4.67
C LYS C 5 -1.67 11.58 3.16
N GLU C 6 -1.69 12.80 2.62
CA GLU C 6 -1.95 12.98 1.19
C GLU C 6 -0.81 12.46 0.34
N ASN C 7 0.45 12.54 0.85
CA ASN C 7 1.59 12.04 0.08
C ASN C 7 1.53 10.53 -0.09
N ILE C 8 0.93 9.83 0.87
CA ILE C 8 0.77 8.39 0.74
C ILE C 8 -0.45 8.02 -0.09
N ILE C 9 -1.56 8.76 0.07
CA ILE C 9 -2.68 8.66 -0.86
C ILE C 9 -2.15 8.78 -2.29
N ASN C 10 -1.46 9.89 -2.59
CA ASN C 10 -0.91 10.12 -3.94
C ASN C 10 0.03 9.01 -4.35
N ASP C 11 0.93 8.58 -3.44
CA ASP C 11 1.82 7.47 -3.75
C ASP C 11 1.02 6.20 -4.05
N LEU C 12 0.03 5.89 -3.20
CA LEU C 12 -0.77 4.70 -3.44
C LEU C 12 -1.56 4.81 -4.74
N SER C 13 -2.19 5.97 -4.99
CA SER C 13 -2.97 6.14 -6.22
C SER C 13 -2.09 6.08 -7.47
N ASP C 14 -0.87 6.59 -7.41
CA ASP C 14 0.02 6.48 -8.56
C ASP C 14 0.31 5.03 -8.88
N LYS C 15 0.81 4.26 -7.90
CA LYS C 15 1.13 2.86 -8.15
C LYS C 15 -0.11 2.06 -8.56
N LEU C 16 -1.27 2.35 -7.97
CA LEU C 16 -2.49 1.67 -8.40
C LEU C 16 -2.79 1.95 -9.87
N LYS C 17 -2.68 3.21 -10.29
CA LYS C 17 -2.99 3.47 -11.69
C LYS C 17 -1.93 2.83 -12.60
N SER C 18 -0.68 2.78 -12.13
CA SER C 18 0.40 2.18 -12.92
C SER C 18 0.26 0.66 -13.02
N THR C 19 -0.11 -0.01 -11.93
CA THR C 19 -0.30 -1.45 -12.02
C THR C 19 -1.55 -1.77 -12.84
N MET C 20 -2.62 -1.01 -12.66
CA MET C 20 -3.83 -1.24 -13.46
C MET C 20 -3.56 -1.05 -14.93
N GLN C 21 -2.73 -0.06 -15.28
CA GLN C 21 -2.40 0.12 -16.69
C GLN C 21 -1.61 -1.07 -17.20
N GLN C 22 -0.74 -1.63 -16.34
CA GLN C 22 -0.01 -2.83 -16.75
C GLN C 22 -0.96 -4.00 -16.91
N GLN C 23 -2.02 -4.03 -16.12
CA GLN C 23 -2.96 -5.14 -16.19
C GLN C 23 -3.70 -5.16 -17.51
N GLU C 24 -4.06 -4.00 -18.06
CA GLU C 24 -4.65 -3.97 -19.39
C GLU C 24 -3.70 -4.57 -20.41
N ARG C 25 -2.44 -4.13 -20.41
CA ARG C 25 -1.45 -4.71 -21.30
C ARG C 25 -1.36 -6.22 -21.12
N ASP C 26 -1.31 -6.67 -19.86
CA ASP C 26 -1.20 -8.11 -19.60
C ASP C 26 -2.44 -8.85 -20.06
N LYS C 27 -3.62 -8.25 -19.90
CA LYS C 27 -4.85 -8.91 -20.32
C LYS C 27 -4.86 -9.12 -21.83
N ASP C 28 -4.53 -8.07 -22.59
CA ASP C 28 -4.45 -8.19 -24.05
C ASP C 28 -3.40 -9.21 -24.50
N LEU C 29 -2.22 -9.20 -23.88
CA LEU C 29 -1.22 -10.22 -24.21
C LEU C 29 -1.74 -11.62 -23.91
N ILE C 30 -2.34 -11.81 -22.74
CA ILE C 30 -2.82 -13.13 -22.34
C ILE C 30 -3.89 -13.62 -23.29
N GLU C 31 -4.79 -12.72 -23.70
CA GLU C 31 -5.82 -13.11 -24.65
C GLU C 31 -5.21 -13.57 -25.98
N SER C 32 -4.18 -12.88 -26.48
CA SER C 32 -3.58 -13.31 -27.74
C SER C 32 -2.78 -14.61 -27.58
N LEU C 33 -1.90 -14.67 -26.57
CA LEU C 33 -1.05 -15.85 -26.43
C LEU C 33 -1.87 -17.11 -26.22
N SER C 34 -2.92 -17.02 -25.40
CA SER C 34 -3.62 -18.25 -25.04
C SER C 34 -4.38 -18.79 -26.24
N GLU C 35 -5.04 -17.91 -27.01
CA GLU C 35 -5.73 -18.37 -28.21
C GLU C 35 -4.74 -18.89 -29.26
N ASP C 36 -3.68 -18.13 -29.54
CA ASP C 36 -2.77 -18.60 -30.58
C ASP C 36 -2.02 -19.86 -30.13
N ARG C 37 -1.70 -19.97 -28.83
CA ARG C 37 -1.06 -21.19 -28.37
C ARG C 37 -1.97 -22.38 -28.56
N ALA C 38 -3.27 -22.21 -28.25
CA ALA C 38 -4.25 -23.25 -28.54
C ALA C 38 -4.17 -23.70 -30.00
N ARG C 39 -4.12 -22.75 -30.94
CA ARG C 39 -4.13 -23.17 -32.34
C ARG C 39 -2.82 -23.84 -32.72
N LEU C 40 -1.69 -23.35 -32.21
CA LEU C 40 -0.44 -24.05 -32.44
C LEU C 40 -0.49 -25.47 -31.91
N LEU C 41 -1.18 -25.67 -30.78
CA LEU C 41 -1.34 -27.03 -30.27
C LEU C 41 -2.06 -27.91 -31.27
N GLU C 42 -3.19 -27.44 -31.81
CA GLU C 42 -3.96 -28.28 -32.73
C GLU C 42 -3.21 -28.46 -34.05
N GLU C 43 -2.59 -27.41 -34.58
CA GLU C 43 -1.82 -27.54 -35.81
C GLU C 43 -0.71 -28.56 -35.65
N LYS C 44 -0.04 -28.56 -34.49
CA LYS C 44 1.02 -29.53 -34.25
C LYS C 44 0.47 -30.95 -34.32
N LYS C 45 -0.62 -31.21 -33.58
CA LYS C 45 -1.19 -32.55 -33.58
C LYS C 45 -1.61 -32.98 -34.98
N LYS C 46 -2.16 -32.06 -35.78
CA LYS C 46 -2.48 -32.44 -37.14
C LYS C 46 -1.22 -32.75 -37.95
N LEU C 47 -0.10 -32.06 -37.67
CA LEU C 47 1.14 -32.36 -38.40
C LEU C 47 1.72 -33.69 -37.98
N GLU C 48 1.69 -34.01 -36.69
CA GLU C 48 2.23 -35.29 -36.25
C GLU C 48 1.51 -36.46 -36.91
N GLU C 49 0.22 -36.29 -37.23
CA GLU C 49 -0.53 -37.38 -37.84
C GLU C 49 -0.06 -37.66 -39.25
N GLU C 50 0.19 -36.60 -40.03
CA GLU C 50 0.67 -36.81 -41.40
C GLU C 50 2.08 -37.38 -41.43
N VAL C 51 2.86 -37.18 -40.37
CA VAL C 51 4.15 -37.87 -40.24
C VAL C 51 3.92 -39.36 -40.08
N SER C 52 3.14 -39.75 -39.06
CA SER C 52 2.88 -41.16 -38.83
C SER C 52 2.16 -41.81 -40.02
N LYS C 53 1.28 -41.06 -40.68
CA LYS C 53 0.49 -41.57 -41.81
C LYS C 53 1.26 -41.59 -43.12
N LEU C 54 2.51 -41.12 -43.13
CA LEU C 54 3.31 -41.18 -44.35
C LEU C 54 4.52 -42.09 -44.23
N ARG C 55 4.92 -42.48 -43.00
CA ARG C 55 5.70 -43.70 -42.86
C ARG C 55 4.82 -44.96 -42.87
N SER C 56 3.51 -44.80 -42.58
CA SER C 56 2.46 -45.78 -42.89
C SER C 56 2.21 -45.91 -44.43
N SER C 57 2.98 -45.14 -45.20
CA SER C 57 2.85 -45.04 -46.66
C SER C 57 4.16 -45.39 -47.37
N ASN D 7 -10.81 5.94 4.90
CA ASN D 7 -11.59 5.12 3.97
C ASN D 7 -11.07 5.23 2.54
N ILE D 8 -10.49 6.37 2.19
CA ILE D 8 -9.83 6.44 0.89
C ILE D 8 -8.58 5.56 0.88
N ILE D 9 -7.82 5.56 1.98
CA ILE D 9 -6.61 4.73 2.07
C ILE D 9 -6.98 3.25 2.10
N ASN D 10 -8.07 2.90 2.80
CA ASN D 10 -8.51 1.51 2.85
C ASN D 10 -8.84 0.98 1.46
N ASP D 11 -9.65 1.74 0.71
CA ASP D 11 -10.03 1.29 -0.63
C ASP D 11 -8.83 1.22 -1.55
N LEU D 12 -7.98 2.24 -1.52
CA LEU D 12 -6.76 2.21 -2.31
C LEU D 12 -5.93 0.98 -1.97
N SER D 13 -5.68 0.75 -0.68
CA SER D 13 -4.77 -0.32 -0.29
C SER D 13 -5.39 -1.70 -0.59
N ASP D 14 -6.72 -1.80 -0.67
CA ASP D 14 -7.37 -3.06 -1.07
C ASP D 14 -7.29 -3.27 -2.57
N LYS D 15 -7.60 -2.24 -3.35
CA LYS D 15 -7.52 -2.40 -4.80
C LYS D 15 -6.08 -2.64 -5.23
N LEU D 16 -5.13 -1.90 -4.64
CA LEU D 16 -3.73 -2.21 -4.89
C LEU D 16 -3.44 -3.66 -4.55
N LYS D 17 -3.97 -4.14 -3.43
CA LYS D 17 -3.75 -5.52 -3.01
C LYS D 17 -4.27 -6.50 -4.06
N SER D 18 -5.54 -6.36 -4.44
CA SER D 18 -6.10 -7.35 -5.35
C SER D 18 -5.49 -7.22 -6.73
N THR D 19 -5.24 -5.99 -7.19
CA THR D 19 -4.59 -5.78 -8.47
C THR D 19 -3.26 -6.51 -8.57
N MET D 20 -2.45 -6.48 -7.52
CA MET D 20 -1.15 -7.10 -7.69
C MET D 20 -1.15 -8.59 -7.36
N GLN D 21 -2.13 -9.07 -6.59
CA GLN D 21 -2.31 -10.50 -6.52
C GLN D 21 -2.67 -11.03 -7.90
N GLN D 22 -3.45 -10.28 -8.66
CA GLN D 22 -3.74 -10.72 -10.01
C GLN D 22 -2.51 -10.56 -10.89
N GLN D 23 -1.75 -9.46 -10.73
CA GLN D 23 -0.56 -9.22 -11.53
C GLN D 23 0.43 -10.38 -11.43
N GLU D 24 0.61 -10.91 -10.22
CA GLU D 24 1.51 -12.05 -10.09
C GLU D 24 0.98 -13.26 -10.86
N ARG D 25 -0.33 -13.54 -10.80
CA ARG D 25 -0.81 -14.70 -11.55
C ARG D 25 -0.63 -14.49 -13.04
N ASP D 26 -0.91 -13.28 -13.51
CA ASP D 26 -0.76 -12.95 -14.93
C ASP D 26 0.68 -13.07 -15.39
N LYS D 27 1.64 -12.66 -14.53
CA LYS D 27 3.05 -12.78 -14.87
C LYS D 27 3.45 -14.23 -15.05
N ASP D 28 3.00 -15.10 -14.14
CA ASP D 28 3.33 -16.51 -14.24
C ASP D 28 2.74 -17.13 -15.49
N LEU D 29 1.50 -16.73 -15.83
CA LEU D 29 0.87 -17.24 -17.04
C LEU D 29 1.60 -16.76 -18.30
N ILE D 30 1.85 -15.45 -18.38
CA ILE D 30 2.54 -14.88 -19.55
C ILE D 30 3.89 -15.55 -19.75
N GLU D 31 4.62 -15.81 -18.66
CA GLU D 31 5.91 -16.47 -18.77
C GLU D 31 5.77 -17.89 -19.30
N SER D 32 4.82 -18.66 -18.77
CA SER D 32 4.63 -20.01 -19.30
C SER D 32 4.13 -19.98 -20.73
N LEU D 33 3.08 -19.20 -21.01
CA LEU D 33 2.55 -19.14 -22.38
C LEU D 33 3.61 -18.68 -23.37
N SER D 34 4.38 -17.63 -23.03
CA SER D 34 5.41 -17.10 -23.93
C SER D 34 6.39 -18.18 -24.34
N GLU D 35 6.99 -18.87 -23.35
CA GLU D 35 8.04 -19.83 -23.65
C GLU D 35 7.48 -21.04 -24.39
N ASP D 36 6.29 -21.51 -24.01
CA ASP D 36 5.77 -22.72 -24.62
C ASP D 36 5.36 -22.46 -26.06
N ARG D 37 4.74 -21.31 -26.30
CA ARG D 37 4.39 -20.93 -27.66
C ARG D 37 5.65 -20.86 -28.53
N ALA D 38 6.71 -20.26 -28.00
CA ALA D 38 7.98 -20.22 -28.72
C ALA D 38 8.42 -21.63 -29.11
N ARG D 39 8.37 -22.57 -28.16
CA ARG D 39 8.80 -23.93 -28.48
C ARG D 39 7.86 -24.58 -29.48
N LEU D 40 6.56 -24.26 -29.42
CA LEU D 40 5.62 -24.88 -30.34
C LEU D 40 5.89 -24.40 -31.77
N LEU D 41 6.20 -23.12 -31.92
CA LEU D 41 6.47 -22.58 -33.25
C LEU D 41 7.65 -23.32 -33.89
N GLU D 42 8.66 -23.66 -33.09
CA GLU D 42 9.81 -24.40 -33.63
C GLU D 42 9.47 -25.84 -33.93
N GLU D 43 8.76 -26.51 -33.01
CA GLU D 43 8.34 -27.88 -33.26
C GLU D 43 7.47 -27.96 -34.51
N LYS D 44 6.59 -26.97 -34.69
CA LYS D 44 5.78 -26.91 -35.90
C LYS D 44 6.67 -26.71 -37.12
N LYS D 45 7.64 -25.78 -37.03
CA LYS D 45 8.55 -25.54 -38.15
C LYS D 45 9.31 -26.81 -38.52
N LYS D 46 9.74 -27.56 -37.52
CA LYS D 46 10.49 -28.79 -37.78
C LYS D 46 9.59 -29.97 -38.17
N LEU D 47 8.28 -29.94 -37.86
CA LEU D 47 7.42 -31.04 -38.30
C LEU D 47 7.04 -30.89 -39.77
N GLU D 48 6.75 -29.67 -40.21
CA GLU D 48 6.57 -29.45 -41.65
C GLU D 48 7.83 -29.82 -42.42
N GLU D 49 8.98 -29.64 -41.80
CA GLU D 49 10.24 -30.08 -42.36
C GLU D 49 10.24 -31.58 -42.64
N GLU D 50 9.66 -32.37 -41.74
CA GLU D 50 9.65 -33.82 -41.92
C GLU D 50 8.59 -34.26 -42.93
N VAL D 51 7.47 -33.54 -43.01
CA VAL D 51 6.41 -33.96 -43.92
C VAL D 51 6.77 -33.63 -45.36
N SER D 52 7.44 -32.49 -45.60
CA SER D 52 7.83 -32.14 -46.95
C SER D 52 9.06 -32.89 -47.43
N LYS D 53 9.90 -33.39 -46.50
CA LYS D 53 11.01 -34.25 -46.85
C LYS D 53 10.58 -35.71 -46.96
N LEU D 54 9.42 -36.08 -46.40
CA LEU D 54 8.82 -37.38 -46.66
C LEU D 54 8.06 -37.45 -47.98
N ARG D 55 8.03 -36.35 -48.73
CA ARG D 55 7.39 -36.34 -50.06
C ARG D 55 8.39 -36.13 -51.18
N ALA E 15 25.72 28.52 23.82
CA ALA E 15 25.29 27.68 22.70
C ALA E 15 26.36 26.68 22.28
N HIS E 16 26.15 25.44 22.68
CA HIS E 16 26.91 24.32 22.14
C HIS E 16 26.22 23.66 20.94
N VAL E 17 25.00 24.07 20.59
CA VAL E 17 24.29 23.54 19.43
C VAL E 17 23.85 24.72 18.57
N ILE E 18 24.26 24.69 17.31
CA ILE E 18 24.00 25.76 16.37
C ILE E 18 22.95 25.29 15.38
N PHE E 19 21.83 25.99 15.34
CA PHE E 19 20.86 25.74 14.28
C PHE E 19 21.30 26.42 12.98
N GLN E 20 21.03 25.77 11.86
CA GLN E 20 21.55 26.16 10.56
C GLN E 20 20.39 26.39 9.60
N ASN E 21 20.53 27.37 8.72
CA ASN E 21 19.60 27.61 7.60
C ASN E 21 18.17 27.77 8.11
N VAL E 22 18.02 28.46 9.23
CA VAL E 22 16.72 28.75 9.80
C VAL E 22 16.10 29.88 9.01
N ALA E 23 14.93 29.63 8.40
CA ALA E 23 14.24 30.66 7.62
C ALA E 23 13.51 31.62 8.55
N LYS E 24 13.06 32.73 7.97
CA LYS E 24 12.26 33.72 8.70
C LYS E 24 10.79 33.31 8.84
N SER E 25 10.36 32.28 8.10
CA SER E 25 8.98 31.84 8.11
C SER E 25 8.93 30.44 7.48
N TYR E 26 7.89 29.68 7.86
CA TYR E 26 7.67 28.34 7.34
C TYR E 26 6.18 28.16 7.09
N LEU E 27 5.86 27.41 6.06
CA LEU E 27 4.46 27.25 5.65
C LEU E 27 3.73 26.40 6.68
N PRO E 28 2.55 26.81 7.14
CA PRO E 28 1.78 25.97 8.05
C PRO E 28 1.49 24.62 7.44
N ASN E 29 1.48 23.60 8.28
CA ASN E 29 0.99 22.28 7.88
C ASN E 29 1.80 21.68 6.74
N ALA E 30 3.06 22.09 6.57
CA ALA E 30 3.96 21.51 5.60
C ALA E 30 5.18 20.94 6.32
N HIS E 31 5.64 19.78 5.88
CA HIS E 31 6.81 19.21 6.54
C HIS E 31 7.97 20.21 6.52
N LEU E 32 8.96 19.92 7.35
CA LEU E 32 9.95 20.93 7.69
C LEU E 32 11.24 20.21 8.02
N GLU E 33 12.36 20.80 7.65
CA GLU E 33 13.66 20.23 7.99
C GLU E 33 14.37 21.19 8.92
N CYS E 34 14.71 20.69 10.10
CA CYS E 34 15.44 21.43 11.11
C CYS E 34 16.88 20.98 11.06
N HIS E 35 17.78 21.88 10.67
CA HIS E 35 19.20 21.56 10.51
C HIS E 35 19.96 22.09 11.72
N TYR E 36 20.83 21.27 12.30
CA TYR E 36 21.60 21.76 13.42
C TYR E 36 22.94 21.04 13.52
N THR E 37 23.86 21.69 14.23
CA THR E 37 25.23 21.22 14.35
C THR E 37 25.56 20.99 15.82
N LEU E 38 26.09 19.82 16.13
CA LEU E 38 26.66 19.50 17.43
C LEU E 38 28.14 19.93 17.42
N THR E 39 28.44 20.97 18.17
CA THR E 39 29.82 21.42 18.28
C THR E 39 30.59 20.48 19.21
N PRO E 40 31.92 20.51 19.17
CA PRO E 40 32.69 19.61 20.05
C PRO E 40 32.33 19.74 21.52
N TYR E 41 31.68 20.84 21.90
CA TYR E 41 31.50 21.15 23.31
C TYR E 41 30.39 20.34 23.97
N ILE E 42 29.55 19.66 23.19
CA ILE E 42 28.41 18.93 23.73
C ILE E 42 28.57 17.46 23.41
N HIS E 43 28.36 16.61 24.40
CA HIS E 43 28.29 15.20 24.11
C HIS E 43 26.82 14.83 23.97
N PRO E 44 26.39 14.33 22.81
CA PRO E 44 24.96 14.03 22.61
C PRO E 44 24.49 12.89 23.49
N HIS E 45 23.29 13.07 24.08
CA HIS E 45 22.63 12.04 24.90
C HIS E 45 21.38 11.54 24.18
N PRO E 46 21.05 10.25 24.32
CA PRO E 46 19.92 9.70 23.55
C PRO E 46 18.60 10.35 23.92
N LYS E 47 18.51 10.97 25.09
CA LYS E 47 17.28 11.65 25.49
C LYS E 47 17.46 13.18 25.49
N ASP E 48 18.35 13.69 24.63
CA ASP E 48 18.27 15.08 24.18
C ASP E 48 17.16 15.24 23.15
N TRP E 49 16.67 16.46 23.00
CA TRP E 49 15.56 16.64 22.07
C TRP E 49 15.56 18.07 21.55
N VAL E 50 14.90 18.23 20.41
CA VAL E 50 14.69 19.52 19.77
C VAL E 50 13.20 19.85 19.85
N GLY E 51 12.90 21.01 20.41
CA GLY E 51 11.52 21.47 20.49
C GLY E 51 11.27 22.74 19.69
N ILE E 52 10.02 22.97 19.31
CA ILE E 52 9.58 24.28 18.85
C ILE E 52 9.03 25.02 20.05
N PHE E 53 9.55 26.22 20.31
CA PHE E 53 9.16 27.03 21.46
C PHE E 53 8.66 28.37 20.97
N LYS E 54 7.59 28.86 21.58
CA LYS E 54 7.20 30.24 21.35
C LYS E 54 8.22 31.17 22.00
N VAL E 55 8.65 32.20 21.26
CA VAL E 55 9.57 33.18 21.84
C VAL E 55 8.99 33.67 23.14
N GLY E 56 9.81 33.74 24.17
CA GLY E 56 9.37 34.20 25.47
C GLY E 56 9.38 33.10 26.50
N TRP E 57 9.63 31.85 26.06
CA TRP E 57 9.68 30.70 26.95
C TRP E 57 10.61 30.96 28.13
N SER E 58 10.27 30.33 29.26
CA SER E 58 11.06 30.36 30.49
C SER E 58 11.76 29.05 30.78
N THR E 59 11.13 27.91 30.50
CA THR E 59 11.70 26.61 30.83
C THR E 59 11.48 25.68 29.66
N ALA E 60 12.13 24.51 29.75
CA ALA E 60 11.91 23.45 28.77
C ALA E 60 10.46 22.97 28.74
N ARG E 61 9.72 23.20 29.82
CA ARG E 61 8.31 22.84 29.84
C ARG E 61 7.48 23.62 28.81
N ASP E 62 7.98 24.77 28.33
CA ASP E 62 7.20 25.63 27.44
C ASP E 62 7.21 25.19 25.98
N TYR E 63 7.65 23.98 25.65
CA TYR E 63 7.69 23.59 24.24
C TYR E 63 6.28 23.52 23.63
N TYR E 64 6.22 23.70 22.33
CA TYR E 64 5.00 23.43 21.57
C TYR E 64 4.89 21.94 21.25
N THR E 65 5.87 21.41 20.53
CA THR E 65 6.04 20.00 20.26
C THR E 65 7.53 19.75 20.19
N PHE E 66 7.91 18.49 20.09
CA PHE E 66 9.33 18.17 20.18
C PHE E 66 9.58 16.83 19.49
N LEU E 67 10.84 16.57 19.22
CA LEU E 67 11.26 15.26 18.74
C LEU E 67 12.55 14.92 19.47
N TRP E 68 12.72 13.65 19.84
CA TRP E 68 14.01 13.23 20.37
C TRP E 68 15.08 13.49 19.31
N SER E 69 16.20 14.04 19.76
CA SER E 69 17.36 14.18 18.87
C SER E 69 18.05 12.83 18.73
N PRO E 70 18.16 12.29 17.52
CA PRO E 70 18.83 10.99 17.35
C PRO E 70 20.33 11.05 17.65
N MET E 71 20.82 10.00 18.29
CA MET E 71 22.25 9.88 18.57
C MET E 71 23.00 9.71 17.26
N PRO E 72 23.97 10.56 16.97
CA PRO E 72 24.75 10.38 15.74
C PRO E 72 25.41 9.01 15.75
N GLU E 73 25.38 8.35 14.59
CA GLU E 73 25.92 7.01 14.51
C GLU E 73 27.43 7.05 14.65
N HIS E 74 27.96 6.20 15.51
CA HIS E 74 29.40 6.12 15.74
C HIS E 74 29.94 7.45 16.26
N TYR E 75 29.31 7.98 17.31
CA TYR E 75 29.74 9.27 17.82
C TYR E 75 31.19 9.19 18.32
N VAL E 76 31.94 10.25 18.06
CA VAL E 76 33.34 10.35 18.43
C VAL E 76 33.53 11.59 19.29
N GLU E 77 34.07 11.40 20.50
CA GLU E 77 34.34 12.52 21.38
C GLU E 77 35.24 13.55 20.69
N GLY E 78 34.84 14.81 20.74
CA GLY E 78 35.56 15.90 20.10
C GLY E 78 35.05 16.29 18.72
N SER E 79 34.16 15.48 18.13
CA SER E 79 33.74 15.65 16.75
C SER E 79 32.67 16.75 16.63
N THR E 80 32.48 17.21 15.40
CA THR E 80 31.41 18.14 15.05
C THR E 80 30.46 17.44 14.08
N VAL E 81 29.17 17.41 14.44
CA VAL E 81 28.17 16.54 13.81
C VAL E 81 26.99 17.38 13.32
N ASN E 82 26.72 17.32 12.02
CA ASN E 82 25.61 18.04 11.42
C ASN E 82 24.37 17.15 11.42
N CYS E 83 23.25 17.68 11.87
CA CYS E 83 22.04 16.87 12.03
C CYS E 83 20.86 17.53 11.34
N VAL E 84 19.86 16.70 11.07
CA VAL E 84 18.61 17.09 10.45
C VAL E 84 17.47 16.29 11.10
N LEU E 85 16.45 16.99 11.56
CA LEU E 85 15.18 16.39 11.99
C LEU E 85 14.08 16.89 11.09
N ALA E 86 13.17 15.99 10.74
CA ALA E 86 12.01 16.35 9.93
C ALA E 86 10.81 16.47 10.85
N PHE E 87 10.29 17.69 11.01
CA PHE E 87 9.00 17.89 11.64
C PHE E 87 7.88 17.79 10.61
N GLN E 88 6.94 16.90 10.87
CA GLN E 88 5.73 16.79 10.06
C GLN E 88 4.84 17.99 10.32
N GLY E 89 4.02 18.34 9.30
CA GLY E 89 3.20 19.54 9.37
C GLY E 89 2.32 19.59 10.61
N TYR E 90 1.79 18.44 11.05
CA TYR E 90 0.91 18.43 12.22
C TYR E 90 1.65 18.49 13.58
N TYR E 91 2.97 18.65 13.59
CA TYR E 91 3.68 19.08 14.79
C TYR E 91 3.73 20.59 14.92
N LEU E 92 3.18 21.32 13.93
CA LEU E 92 3.59 22.72 13.86
C LEU E 92 2.49 23.65 14.35
N PRO E 93 2.91 24.76 14.95
CA PRO E 93 1.95 25.81 15.30
C PRO E 93 1.21 26.26 14.07
N ASN E 94 -0.01 26.78 14.28
CA ASN E 94 -0.77 27.35 13.18
C ASN E 94 -0.25 28.74 12.84
N ASP E 95 -0.80 29.32 11.78
CA ASP E 95 -0.53 30.69 11.41
C ASP E 95 -1.24 31.64 12.37
N ASP E 96 -0.58 31.96 13.48
CA ASP E 96 -1.20 32.65 14.61
C ASP E 96 -0.51 33.96 14.95
N GLY E 97 0.33 34.50 14.06
CA GLY E 97 1.00 35.76 14.31
C GLY E 97 2.07 35.75 15.38
N GLU E 98 2.33 34.61 16.02
CA GLU E 98 3.37 34.52 17.03
C GLU E 98 4.68 34.08 16.40
N PHE E 99 5.77 34.33 17.14
CA PHE E 99 7.10 33.92 16.70
C PHE E 99 7.57 32.73 17.53
N TYR E 100 8.34 31.86 16.90
CA TYR E 100 8.81 30.61 17.49
C TYR E 100 10.29 30.45 17.19
N GLN E 101 10.89 29.50 17.88
CA GLN E 101 12.26 29.12 17.61
C GLN E 101 12.41 27.63 17.82
N PHE E 102 13.49 27.07 17.25
CA PHE E 102 13.95 25.75 17.68
C PHE E 102 14.82 25.91 18.93
N CYS E 103 14.70 24.97 19.85
CA CYS E 103 15.61 24.91 20.96
C CYS E 103 16.08 23.47 21.13
N TYR E 104 17.37 23.33 21.44
CA TYR E 104 17.99 22.04 21.75
C TYR E 104 18.01 21.88 23.26
N VAL E 105 17.36 20.84 23.75
CA VAL E 105 17.25 20.58 25.19
C VAL E 105 18.05 19.33 25.54
N THR E 106 18.97 19.47 26.48
CA THR E 106 19.72 18.32 26.95
C THR E 106 18.83 17.44 27.81
N HIS E 107 19.25 16.18 27.97
CA HIS E 107 18.59 15.25 28.88
C HIS E 107 18.64 15.71 30.34
N LYS E 108 19.50 16.68 30.70
CA LYS E 108 19.38 17.31 32.01
C LYS E 108 18.30 18.39 32.03
N GLY E 109 17.84 18.86 30.87
CA GLY E 109 16.83 19.89 30.82
C GLY E 109 17.35 21.29 30.59
N GLU E 110 18.59 21.44 30.18
CA GLU E 110 19.16 22.75 29.88
C GLU E 110 19.04 23.04 28.40
N ILE E 111 18.60 24.26 28.09
CA ILE E 111 18.64 24.76 26.72
C ILE E 111 20.07 25.09 26.36
N ARG E 112 20.61 24.40 25.38
CA ARG E 112 21.96 24.63 24.92
C ARG E 112 22.00 24.95 23.42
N GLY E 113 20.95 25.60 22.92
CA GLY E 113 20.92 26.07 21.54
C GLY E 113 19.54 26.58 21.19
N ALA E 114 19.45 27.80 20.69
CA ALA E 114 18.18 28.43 20.40
C ALA E 114 18.31 29.24 19.13
N SER E 115 17.42 28.98 18.16
CA SER E 115 17.57 29.54 16.82
C SER E 115 17.05 30.97 16.78
N THR E 116 17.24 31.61 15.63
CA THR E 116 16.51 32.84 15.35
C THR E 116 15.02 32.54 15.23
N PRO E 117 14.15 33.49 15.52
CA PRO E 117 12.72 33.19 15.54
C PRO E 117 12.18 33.15 14.12
N PHE E 118 11.02 32.52 13.98
CA PHE E 118 10.31 32.46 12.71
C PHE E 118 8.81 32.42 12.99
N GLN E 119 8.04 32.75 11.97
CA GLN E 119 6.59 32.65 12.01
C GLN E 119 6.14 31.46 11.17
N PHE E 120 4.98 30.92 11.50
CA PHE E 120 4.35 29.93 10.62
C PHE E 120 3.27 30.63 9.81
N ARG E 121 3.51 30.72 8.49
CA ARG E 121 2.64 31.49 7.58
C ARG E 121 3.12 31.36 6.14
N ALA F 15 -28.77 9.20 30.21
CA ALA F 15 -27.83 9.45 29.12
C ALA F 15 -28.31 8.80 27.83
N HIS F 16 -28.00 9.42 26.69
CA HIS F 16 -28.39 8.89 25.39
C HIS F 16 -27.38 7.93 24.80
N VAL F 17 -26.18 7.84 25.37
CA VAL F 17 -25.13 6.88 25.01
C VAL F 17 -24.81 6.04 26.22
N ILE F 18 -24.69 4.73 26.03
CA ILE F 18 -24.50 3.80 27.15
C ILE F 18 -23.19 3.07 26.94
N PHE F 19 -22.31 3.17 27.92
CA PHE F 19 -21.04 2.45 27.87
C PHE F 19 -21.21 1.09 28.51
N GLN F 20 -20.73 0.06 27.81
CA GLN F 20 -21.00 -1.33 28.13
C GLN F 20 -19.73 -2.03 28.60
N ASN F 21 -19.89 -2.92 29.57
CA ASN F 21 -18.84 -3.87 29.93
C ASN F 21 -17.55 -3.16 30.33
N VAL F 22 -17.68 -1.98 30.93
CA VAL F 22 -16.51 -1.22 31.37
C VAL F 22 -16.03 -1.74 32.72
N ALA F 23 -14.71 -1.99 32.82
CA ALA F 23 -14.16 -2.62 34.03
C ALA F 23 -13.97 -1.59 35.13
N LYS F 24 -13.65 -2.09 36.33
CA LYS F 24 -13.28 -1.18 37.41
C LYS F 24 -11.83 -0.72 37.29
N SER F 25 -11.08 -1.30 36.36
CA SER F 25 -9.68 -0.95 36.22
C SER F 25 -9.15 -1.51 34.91
N TYR F 26 -8.11 -0.87 34.38
CA TYR F 26 -7.42 -1.32 33.18
C TYR F 26 -5.90 -1.23 33.36
N LEU F 27 -5.19 -2.24 32.85
CA LEU F 27 -3.74 -2.23 32.85
C LEU F 27 -3.18 -0.98 32.17
N PRO F 28 -2.28 -0.25 32.82
CA PRO F 28 -1.64 0.90 32.16
C PRO F 28 -0.93 0.48 30.89
N ASN F 29 -1.03 1.35 29.87
CA ASN F 29 -0.24 1.20 28.64
C ASN F 29 -0.54 -0.11 27.93
N ALA F 30 -1.75 -0.63 28.12
CA ALA F 30 -2.23 -1.83 27.43
C ALA F 30 -3.39 -1.42 26.53
N HIS F 31 -3.33 -1.82 25.25
CA HIS F 31 -4.47 -1.66 24.34
C HIS F 31 -5.78 -1.96 25.06
N LEU F 32 -6.78 -1.13 24.79
CA LEU F 32 -8.05 -1.12 25.51
C LEU F 32 -9.20 -1.01 24.51
N GLU F 33 -10.33 -1.59 24.84
CA GLU F 33 -11.50 -1.49 23.97
C GLU F 33 -12.66 -0.89 24.74
N CYS F 34 -13.25 0.14 24.16
CA CYS F 34 -14.35 0.91 24.73
C CYS F 34 -15.63 0.58 23.98
N HIS F 35 -16.58 -0.05 24.67
CA HIS F 35 -17.84 -0.51 24.07
C HIS F 35 -18.97 0.41 24.48
N TYR F 36 -19.70 0.93 23.50
CA TYR F 36 -20.82 1.79 23.82
C TYR F 36 -21.97 1.53 22.86
N THR F 37 -23.09 2.22 23.10
CA THR F 37 -24.33 1.95 22.41
C THR F 37 -25.03 3.26 22.14
N LEU F 38 -25.40 3.48 20.88
CA LEU F 38 -26.17 4.63 20.47
C LEU F 38 -27.64 4.25 20.58
N THR F 39 -28.35 4.87 21.51
CA THR F 39 -29.78 4.66 21.61
C THR F 39 -30.49 5.44 20.51
N PRO F 40 -31.77 5.14 20.27
CA PRO F 40 -32.54 5.92 19.29
C PRO F 40 -32.51 7.42 19.57
N TYR F 41 -32.23 7.78 20.83
CA TYR F 41 -32.36 9.17 21.29
C TYR F 41 -31.34 10.10 20.63
N ILE F 42 -30.26 9.58 20.07
CA ILE F 42 -29.20 10.40 19.48
C ILE F 42 -29.01 9.93 18.04
N HIS F 43 -28.71 10.89 17.13
CA HIS F 43 -28.23 10.56 15.80
C HIS F 43 -26.72 10.79 15.78
N PRO F 44 -25.91 9.80 15.45
CA PRO F 44 -24.45 9.99 15.54
C PRO F 44 -24.00 11.01 14.52
N HIS F 45 -23.02 11.81 14.91
CA HIS F 45 -22.43 12.80 14.04
C HIS F 45 -20.94 12.53 13.90
N PRO F 46 -20.35 12.78 12.73
CA PRO F 46 -18.93 12.39 12.53
C PRO F 46 -17.95 13.07 13.47
N LYS F 47 -18.26 14.27 13.97
CA LYS F 47 -17.37 14.94 14.91
C LYS F 47 -17.84 14.80 16.36
N ASP F 48 -18.65 13.77 16.64
CA ASP F 48 -18.85 13.25 17.98
C ASP F 48 -17.57 12.56 18.42
N TRP F 49 -17.37 12.48 19.75
CA TRP F 49 -16.14 11.84 20.19
C TRP F 49 -16.30 11.25 21.59
N VAL F 50 -15.41 10.31 21.85
CA VAL F 50 -15.31 9.61 23.12
C VAL F 50 -13.98 9.99 23.75
N GLY F 51 -14.05 10.68 24.87
CA GLY F 51 -12.87 11.03 25.63
C GLY F 51 -12.77 10.22 26.91
N ILE F 52 -11.54 10.05 27.40
CA ILE F 52 -11.29 9.62 28.76
C ILE F 52 -11.17 10.86 29.61
N PHE F 53 -11.96 10.95 30.68
CA PHE F 53 -11.96 12.10 31.55
C PHE F 53 -11.60 11.72 32.98
N LYS F 54 -10.85 12.58 33.64
CA LYS F 54 -10.63 12.41 35.06
C LYS F 54 -11.94 12.75 35.78
N VAL F 55 -12.43 11.80 36.59
CA VAL F 55 -13.66 12.03 37.34
C VAL F 55 -13.56 13.37 38.06
N GLY F 56 -14.66 14.13 38.05
CA GLY F 56 -14.64 15.50 38.50
C GLY F 56 -14.44 16.55 37.43
N TRP F 57 -14.36 16.16 36.16
CA TRP F 57 -14.29 17.16 35.09
C TRP F 57 -15.45 18.15 35.16
N SER F 58 -15.27 19.31 34.52
CA SER F 58 -16.32 20.34 34.43
C SER F 58 -16.83 20.57 33.02
N THR F 59 -15.91 20.79 32.07
CA THR F 59 -16.23 21.10 30.68
C THR F 59 -15.66 20.01 29.78
N ALA F 60 -16.05 20.03 28.51
CA ALA F 60 -15.45 19.11 27.55
C ALA F 60 -13.97 19.40 27.30
N ARG F 61 -13.45 20.51 27.80
CA ARG F 61 -12.03 20.78 27.64
C ARG F 61 -11.16 19.87 28.49
N ASP F 62 -11.71 19.32 29.58
CA ASP F 62 -10.97 18.49 30.52
C ASP F 62 -10.76 17.02 30.06
N TYR F 63 -10.95 16.65 28.80
CA TYR F 63 -10.56 15.32 28.37
C TYR F 63 -9.06 15.08 28.61
N TYR F 64 -8.70 13.81 28.72
CA TYR F 64 -7.30 13.45 28.80
C TYR F 64 -6.76 13.15 27.40
N THR F 65 -7.37 12.18 26.71
CA THR F 65 -7.25 12.00 25.28
C THR F 65 -8.64 11.68 24.73
N PHE F 66 -8.73 11.46 23.42
CA PHE F 66 -10.02 11.32 22.76
C PHE F 66 -9.85 10.66 21.40
N LEU F 67 -10.92 10.00 20.95
CA LEU F 67 -11.03 9.48 19.59
C LEU F 67 -12.35 9.96 19.00
N TRP F 68 -12.34 10.35 17.72
CA TRP F 68 -13.62 10.58 17.05
C TRP F 68 -14.44 9.29 17.06
N SER F 69 -15.71 9.40 17.37
CA SER F 69 -16.57 8.22 17.28
C SER F 69 -16.82 7.95 15.80
N PRO F 70 -16.46 6.80 15.27
CA PRO F 70 -16.67 6.56 13.83
C PRO F 70 -18.16 6.55 13.50
N MET F 71 -18.51 7.36 12.51
CA MET F 71 -19.86 7.33 11.99
C MET F 71 -20.23 5.88 11.63
N PRO F 72 -21.33 5.35 12.18
CA PRO F 72 -21.74 4.00 11.79
C PRO F 72 -22.21 3.99 10.36
N GLU F 73 -21.80 2.97 9.60
CA GLU F 73 -22.12 2.94 8.19
C GLU F 73 -23.55 2.49 7.96
N HIS F 74 -24.24 3.17 7.05
CA HIS F 74 -25.64 2.91 6.72
C HIS F 74 -26.53 3.07 7.96
N TYR F 75 -26.25 4.10 8.74
CA TYR F 75 -27.03 4.40 9.94
C TYR F 75 -28.50 4.54 9.59
N VAL F 76 -29.35 4.04 10.48
CA VAL F 76 -30.79 4.20 10.36
C VAL F 76 -31.28 4.99 11.57
N GLU F 77 -32.08 6.02 11.33
CA GLU F 77 -32.63 6.78 12.44
C GLU F 77 -33.60 5.94 13.24
N GLY F 78 -33.52 6.07 14.56
CA GLY F 78 -34.28 5.25 15.48
C GLY F 78 -33.60 3.95 15.87
N SER F 79 -32.60 3.52 15.11
CA SER F 79 -31.94 2.24 15.37
C SER F 79 -31.17 2.28 16.69
N THR F 80 -30.74 1.11 17.12
CA THR F 80 -29.85 0.93 18.25
C THR F 80 -28.54 0.36 17.71
N VAL F 81 -27.45 1.08 17.88
CA VAL F 81 -26.19 0.78 17.22
C VAL F 81 -25.11 0.60 18.28
N ASN F 82 -24.46 -0.56 18.26
CA ASN F 82 -23.36 -0.85 19.15
C ASN F 82 -22.06 -0.58 18.44
N CYS F 83 -21.08 -0.07 19.19
CA CYS F 83 -19.84 0.43 18.64
C CYS F 83 -18.68 -0.02 19.52
N VAL F 84 -17.50 -0.08 18.92
CA VAL F 84 -16.26 -0.39 19.63
C VAL F 84 -15.18 0.56 19.13
N LEU F 85 -14.41 1.11 20.09
CA LEU F 85 -13.26 1.97 19.82
C LEU F 85 -12.05 1.39 20.54
N ALA F 86 -10.89 1.45 19.89
CA ALA F 86 -9.69 0.84 20.43
C ALA F 86 -8.73 1.95 20.84
N PHE F 87 -8.63 2.21 22.14
CA PHE F 87 -7.61 3.13 22.66
C PHE F 87 -6.30 2.41 22.80
N GLN F 88 -5.27 2.93 22.13
CA GLN F 88 -3.94 2.39 22.25
C GLN F 88 -3.38 2.67 23.65
N GLY F 89 -2.40 1.85 24.05
CA GLY F 89 -1.82 2.03 25.37
C GLY F 89 -1.34 3.44 25.62
N TYR F 90 -0.76 4.09 24.59
CA TYR F 90 -0.20 5.42 24.77
C TYR F 90 -1.23 6.54 24.79
N TYR F 91 -2.54 6.21 24.75
CA TYR F 91 -3.60 7.17 24.97
C TYR F 91 -4.02 7.25 26.42
N LEU F 92 -3.50 6.30 27.28
CA LEU F 92 -4.13 6.19 28.57
C LEU F 92 -3.30 6.90 29.65
N PRO F 93 -4.01 7.45 30.64
CA PRO F 93 -3.32 7.92 31.85
C PRO F 93 -2.47 6.84 32.48
N ASN F 94 -1.50 7.28 33.28
CA ASN F 94 -0.63 6.39 34.02
C ASN F 94 -1.34 5.83 35.23
N ASP F 95 -0.62 5.00 35.97
CA ASP F 95 -1.06 4.53 37.28
C ASP F 95 -0.88 5.66 38.29
N ASP F 96 -1.81 6.60 38.27
CA ASP F 96 -1.71 7.81 39.06
C ASP F 96 -2.68 7.83 40.25
N GLY F 97 -3.32 6.70 40.54
CA GLY F 97 -4.26 6.61 41.63
C GLY F 97 -5.58 7.32 41.41
N GLU F 98 -5.78 7.94 40.25
CA GLU F 98 -6.98 8.73 39.97
C GLU F 98 -8.06 7.88 39.30
N PHE F 99 -9.28 8.41 39.32
CA PHE F 99 -10.42 7.76 38.70
C PHE F 99 -10.73 8.41 37.36
N TYR F 100 -11.01 7.58 36.36
CA TYR F 100 -11.36 8.08 35.05
C TYR F 100 -12.71 7.49 34.64
N GLN F 101 -13.32 8.12 33.63
CA GLN F 101 -14.48 7.54 32.96
C GLN F 101 -14.41 7.87 31.48
N PHE F 102 -15.10 7.06 30.68
CA PHE F 102 -15.45 7.45 29.32
C PHE F 102 -16.61 8.45 29.30
N CYS F 103 -16.55 9.37 28.35
CA CYS F 103 -17.59 10.34 28.11
C CYS F 103 -17.76 10.51 26.61
N TYR F 104 -19.02 10.47 26.17
CA TYR F 104 -19.41 10.72 24.79
C TYR F 104 -19.80 12.18 24.65
N VAL F 105 -19.08 12.91 23.79
CA VAL F 105 -19.30 14.33 23.56
C VAL F 105 -19.81 14.50 22.13
N THR F 106 -20.96 15.15 21.99
CA THR F 106 -21.48 15.42 20.65
C THR F 106 -20.70 16.56 20.00
N HIS F 107 -20.75 16.60 18.67
CA HIS F 107 -20.20 17.74 17.93
C HIS F 107 -20.81 19.07 18.38
N LYS F 108 -21.99 19.06 19.00
CA LYS F 108 -22.51 20.27 19.62
C LYS F 108 -21.88 20.53 21.00
N GLY F 109 -20.96 19.68 21.45
CA GLY F 109 -20.25 19.90 22.69
C GLY F 109 -20.93 19.37 23.92
N GLU F 110 -21.98 18.57 23.78
CA GLU F 110 -22.74 18.10 24.93
C GLU F 110 -22.28 16.69 25.28
N ILE F 111 -22.04 16.46 26.56
CA ILE F 111 -21.76 15.12 27.07
C ILE F 111 -23.11 14.40 27.20
N ARG F 112 -23.31 13.37 26.39
CA ARG F 112 -24.55 12.61 26.41
C ARG F 112 -24.36 11.16 26.84
N GLY F 113 -23.16 10.76 27.24
CA GLY F 113 -22.96 9.47 27.86
C GLY F 113 -21.74 9.58 28.76
N ALA F 114 -21.75 8.81 29.84
CA ALA F 114 -20.69 8.90 30.85
C ALA F 114 -20.63 7.58 31.61
N SER F 115 -19.47 6.91 31.56
CA SER F 115 -19.35 5.53 32.01
C SER F 115 -19.19 5.46 33.53
N THR F 116 -19.23 4.25 34.07
CA THR F 116 -18.82 4.06 35.45
C THR F 116 -17.32 4.30 35.54
N PRO F 117 -16.81 4.65 36.72
CA PRO F 117 -15.41 5.06 36.81
C PRO F 117 -14.46 3.87 36.87
N PHE F 118 -13.22 4.12 36.46
CA PHE F 118 -12.16 3.12 36.54
C PHE F 118 -10.83 3.79 36.90
N GLN F 119 -9.86 2.95 37.28
CA GLN F 119 -8.49 3.35 37.57
C GLN F 119 -7.52 2.64 36.64
N PHE F 120 -6.39 3.28 36.36
CA PHE F 120 -5.36 2.69 35.52
C PHE F 120 -4.30 2.13 36.45
N ARG F 121 -4.38 0.82 36.66
CA ARG F 121 -3.50 0.07 37.55
C ARG F 121 -3.70 -1.42 37.25
N GLU G 6 3.43 -15.55 -0.90
CA GLU G 6 2.47 -14.60 -1.45
C GLU G 6 2.03 -13.62 -0.38
N ASN G 7 2.15 -14.07 0.87
CA ASN G 7 1.72 -13.29 2.02
C ASN G 7 2.31 -11.88 2.03
N ILE G 8 3.46 -11.65 1.39
CA ILE G 8 4.18 -10.41 1.67
C ILE G 8 3.47 -9.20 1.08
N ILE G 9 2.82 -9.35 -0.08
CA ILE G 9 1.97 -8.28 -0.63
C ILE G 9 0.83 -7.96 0.34
N ASN G 10 0.14 -9.00 0.81
CA ASN G 10 -0.99 -8.80 1.72
C ASN G 10 -0.52 -8.25 3.06
N ASP G 11 0.61 -8.76 3.58
CA ASP G 11 1.01 -8.40 4.94
C ASP G 11 1.46 -6.94 5.03
N LEU G 12 2.14 -6.45 4.01
CA LEU G 12 2.52 -5.05 4.11
C LEU G 12 1.37 -4.12 3.75
N SER G 13 0.44 -4.55 2.90
CA SER G 13 -0.79 -3.78 2.71
C SER G 13 -1.59 -3.72 4.00
N ASP G 14 -1.75 -4.86 4.69
CA ASP G 14 -2.49 -4.90 5.95
C ASP G 14 -1.83 -4.04 7.01
N LYS G 15 -0.50 -4.16 7.18
CA LYS G 15 0.21 -3.35 8.17
C LYS G 15 0.16 -1.89 7.80
N LEU G 16 0.22 -1.58 6.50
CA LEU G 16 0.07 -0.20 6.08
C LEU G 16 -1.28 0.37 6.47
N LYS G 17 -2.35 -0.36 6.17
CA LYS G 17 -3.70 0.12 6.48
C LYS G 17 -3.83 0.45 7.97
N SER G 18 -3.46 -0.50 8.83
CA SER G 18 -3.61 -0.32 10.27
C SER G 18 -2.77 0.85 10.78
N THR G 19 -1.49 0.88 10.43
CA THR G 19 -0.63 1.91 10.96
C THR G 19 -0.99 3.28 10.42
N MET G 20 -1.64 3.37 9.27
CA MET G 20 -2.06 4.70 8.87
C MET G 20 -3.43 5.08 9.36
N GLN G 21 -4.29 4.13 9.71
CA GLN G 21 -5.50 4.56 10.38
C GLN G 21 -5.20 4.98 11.81
N GLN G 22 -4.22 4.36 12.46
CA GLN G 22 -3.80 4.88 13.75
C GLN G 22 -3.17 6.26 13.61
N GLN G 23 -2.49 6.51 12.48
CA GLN G 23 -1.79 7.79 12.29
C GLN G 23 -2.76 8.94 12.15
N GLU G 24 -3.88 8.73 11.46
CA GLU G 24 -4.90 9.78 11.39
C GLU G 24 -5.43 10.15 12.78
N ARG G 25 -5.72 9.15 13.62
CA ARG G 25 -6.17 9.45 14.97
C ARG G 25 -5.08 10.17 15.76
N ASP G 26 -3.83 9.75 15.61
CA ASP G 26 -2.73 10.40 16.33
C ASP G 26 -2.54 11.84 15.89
N LYS G 27 -2.69 12.12 14.59
CA LYS G 27 -2.51 13.47 14.11
C LYS G 27 -3.57 14.40 14.68
N ASP G 28 -4.82 13.91 14.75
CA ASP G 28 -5.91 14.71 15.27
C ASP G 28 -5.75 14.96 16.77
N LEU G 29 -5.22 13.97 17.50
CA LEU G 29 -4.98 14.15 18.92
C LEU G 29 -3.85 15.14 19.18
N ILE G 30 -2.72 14.93 18.49
CA ILE G 30 -1.58 15.84 18.59
C ILE G 30 -1.99 17.27 18.25
N GLU G 31 -2.72 17.44 17.17
CA GLU G 31 -3.17 18.79 16.83
C GLU G 31 -4.04 19.35 17.94
N SER G 32 -4.99 18.56 18.44
CA SER G 32 -5.84 19.04 19.54
C SER G 32 -5.01 19.32 20.78
N LEU G 33 -4.24 18.32 21.25
CA LEU G 33 -3.46 18.44 22.47
C LEU G 33 -2.46 19.59 22.39
N SER G 34 -1.82 19.79 21.24
CA SER G 34 -0.77 20.80 21.25
C SER G 34 -1.35 22.21 21.15
N GLU G 35 -2.47 22.40 20.46
CA GLU G 35 -3.11 23.71 20.47
C GLU G 35 -3.61 24.10 21.86
N ASP G 36 -4.26 23.17 22.56
CA ASP G 36 -4.91 23.50 23.83
C ASP G 36 -3.88 23.65 24.95
N ARG G 37 -2.89 22.76 24.97
CA ARG G 37 -1.76 22.92 25.87
C ARG G 37 -1.10 24.30 25.70
N ALA G 38 -0.99 24.78 24.46
CA ALA G 38 -0.43 26.11 24.24
C ALA G 38 -1.32 27.18 24.89
N ARG G 39 -2.63 27.10 24.66
CA ARG G 39 -3.53 28.07 25.29
C ARG G 39 -3.46 27.96 26.81
N LEU G 40 -3.39 26.74 27.32
CA LEU G 40 -3.27 26.53 28.76
C LEU G 40 -2.03 27.20 29.30
N LEU G 41 -0.91 27.08 28.58
CA LEU G 41 0.34 27.67 29.05
C LEU G 41 0.17 29.18 29.23
N GLU G 42 -0.50 29.82 28.27
CA GLU G 42 -0.71 31.27 28.35
C GLU G 42 -1.65 31.63 29.49
N GLU G 43 -2.72 30.86 29.69
CA GLU G 43 -3.66 31.17 30.76
C GLU G 43 -3.04 30.98 32.13
N LYS G 44 -2.20 29.95 32.29
CA LYS G 44 -1.55 29.72 33.57
C LYS G 44 -0.57 30.86 33.90
N LYS G 45 0.24 31.29 32.94
CA LYS G 45 1.12 32.41 33.21
C LYS G 45 0.34 33.71 33.40
N LYS G 46 -0.77 33.87 32.70
CA LYS G 46 -1.64 35.01 32.98
C LYS G 46 -2.18 34.96 34.40
N LEU G 47 -2.48 33.76 34.92
CA LEU G 47 -3.00 33.65 36.28
C LEU G 47 -1.92 33.97 37.31
N GLU G 48 -0.70 33.44 37.11
CA GLU G 48 0.37 33.70 38.07
C GLU G 48 0.68 35.19 38.18
N GLU G 49 0.48 35.94 37.10
CA GLU G 49 0.65 37.39 37.17
C GLU G 49 -0.47 38.04 37.97
N GLU G 50 -1.72 37.59 37.78
CA GLU G 50 -2.77 38.17 38.62
C GLU G 50 -2.57 37.78 40.08
N VAL G 51 -1.91 36.65 40.35
CA VAL G 51 -1.72 36.24 41.74
C VAL G 51 -0.60 37.05 42.40
N SER G 52 0.54 37.21 41.72
CA SER G 52 1.65 37.93 42.32
C SER G 52 1.37 39.42 42.44
N LYS G 53 0.60 39.99 41.50
CA LYS G 53 0.30 41.42 41.56
C LYS G 53 -0.90 41.75 42.43
N LEU G 54 -1.53 40.75 43.04
CA LEU G 54 -2.47 41.03 44.12
C LEU G 54 -1.84 40.86 45.50
N ARG G 55 -0.68 40.22 45.55
CA ARG G 55 0.13 40.17 46.76
C ARG G 55 1.20 41.27 46.80
N SER G 56 2.01 41.38 45.74
CA SER G 56 3.16 42.28 45.73
C SER G 56 2.74 43.73 45.46
N SER G 57 1.95 44.26 46.39
CA SER G 57 1.50 45.65 46.33
C SER G 57 1.67 46.36 47.68
N GLY H 1 8.42 -14.64 -8.87
CA GLY H 1 8.27 -13.20 -8.77
C GLY H 1 8.67 -12.43 -10.02
N SER H 2 8.82 -11.11 -9.88
CA SER H 2 9.18 -10.24 -10.99
C SER H 2 9.91 -9.02 -10.44
N GLU H 3 10.63 -8.31 -11.33
CA GLU H 3 11.24 -7.04 -10.96
C GLU H 3 10.18 -5.95 -10.77
N PHE H 4 9.11 -6.01 -11.56
CA PHE H 4 7.97 -5.11 -11.38
C PHE H 4 7.37 -5.25 -9.99
N LYS H 5 7.13 -6.51 -9.57
CA LYS H 5 6.58 -6.78 -8.24
C LYS H 5 7.57 -6.43 -7.15
N GLU H 6 8.85 -6.79 -7.34
CA GLU H 6 9.87 -6.51 -6.34
C GLU H 6 10.07 -5.01 -6.13
N ASN H 7 9.84 -4.20 -7.16
CA ASN H 7 10.03 -2.77 -6.99
C ASN H 7 8.86 -2.11 -6.30
N ILE H 8 7.63 -2.62 -6.47
CA ILE H 8 6.51 -2.12 -5.69
C ILE H 8 6.58 -2.65 -4.26
N ILE H 9 7.01 -3.90 -4.09
CA ILE H 9 7.25 -4.46 -2.75
C ILE H 9 8.25 -3.62 -1.98
N ASN H 10 9.39 -3.29 -2.62
CA ASN H 10 10.39 -2.47 -1.94
C ASN H 10 9.84 -1.10 -1.59
N ASP H 11 9.12 -0.48 -2.52
CA ASP H 11 8.56 0.85 -2.27
C ASP H 11 7.55 0.83 -1.13
N LEU H 12 6.59 -0.09 -1.19
CA LEU H 12 5.60 -0.19 -0.12
C LEU H 12 6.26 -0.54 1.20
N SER H 13 7.34 -1.34 1.16
CA SER H 13 8.03 -1.69 2.39
C SER H 13 8.72 -0.48 3.01
N ASP H 14 9.28 0.41 2.16
CA ASP H 14 9.87 1.65 2.64
C ASP H 14 8.81 2.63 3.13
N LYS H 15 7.68 2.71 2.41
CA LYS H 15 6.55 3.49 2.91
C LYS H 15 6.12 2.98 4.28
N LEU H 16 6.08 1.67 4.46
CA LEU H 16 5.68 1.15 5.76
C LEU H 16 6.69 1.50 6.84
N LYS H 17 7.99 1.37 6.56
CA LYS H 17 8.95 1.62 7.62
C LYS H 17 8.96 3.09 8.02
N SER H 18 8.79 3.99 7.06
CA SER H 18 8.78 5.42 7.39
C SER H 18 7.59 5.76 8.29
N THR H 19 6.37 5.33 7.90
CA THR H 19 5.18 5.62 8.70
C THR H 19 5.28 5.00 10.09
N MET H 20 5.79 3.78 10.18
CA MET H 20 5.98 3.22 11.51
C MET H 20 6.97 4.06 12.31
N GLN H 21 8.04 4.54 11.67
CA GLN H 21 8.99 5.40 12.35
C GLN H 21 8.35 6.71 12.76
N GLN H 22 7.51 7.28 11.90
CA GLN H 22 6.71 8.42 12.31
C GLN H 22 5.85 8.06 13.52
N GLN H 23 5.25 6.87 13.51
CA GLN H 23 4.30 6.52 14.56
C GLN H 23 4.99 6.42 15.92
N GLU H 24 6.27 6.04 15.95
CA GLU H 24 6.97 6.02 17.21
C GLU H 24 7.22 7.41 17.74
N ARG H 25 7.51 8.37 16.85
CA ARG H 25 7.62 9.76 17.26
C ARG H 25 6.29 10.26 17.81
N ASP H 26 5.20 9.90 17.14
CA ASP H 26 3.88 10.36 17.54
C ASP H 26 3.51 9.84 18.93
N LYS H 27 3.78 8.56 19.18
CA LYS H 27 3.49 7.98 20.48
C LYS H 27 4.24 8.72 21.59
N ASP H 28 5.54 8.98 21.39
CA ASP H 28 6.32 9.72 22.39
C ASP H 28 5.75 11.12 22.63
N LEU H 29 5.34 11.80 21.56
CA LEU H 29 4.79 13.14 21.72
C LEU H 29 3.42 13.13 22.41
N ILE H 30 2.61 12.12 22.11
CA ILE H 30 1.30 12.04 22.74
C ILE H 30 1.43 11.76 24.24
N GLU H 31 2.34 10.85 24.60
CA GLU H 31 2.64 10.59 26.01
C GLU H 31 3.03 11.87 26.77
N SER H 32 3.97 12.65 26.24
CA SER H 32 4.38 13.85 26.97
C SER H 32 3.26 14.88 26.99
N LEU H 33 2.67 15.14 25.82
CA LEU H 33 1.63 16.17 25.74
C LEU H 33 0.45 15.83 26.65
N SER H 34 0.00 14.57 26.63
CA SER H 34 -1.21 14.27 27.39
C SER H 34 -0.92 14.37 28.88
N GLU H 35 0.24 13.89 29.34
CA GLU H 35 0.63 14.06 30.74
C GLU H 35 0.76 15.55 31.10
N ASP H 36 1.40 16.33 30.23
CA ASP H 36 1.68 17.70 30.63
C ASP H 36 0.40 18.55 30.63
N ARG H 37 -0.49 18.31 29.66
CA ARG H 37 -1.75 19.05 29.63
C ARG H 37 -2.53 18.79 30.91
N ALA H 38 -2.55 17.53 31.36
CA ALA H 38 -3.25 17.18 32.58
C ALA H 38 -2.71 17.98 33.75
N ARG H 39 -1.39 18.02 33.88
CA ARG H 39 -0.75 18.76 34.97
C ARG H 39 -1.04 20.27 34.85
N LEU H 40 -0.92 20.82 33.64
CA LEU H 40 -1.34 22.21 33.43
C LEU H 40 -2.79 22.46 33.87
N LEU H 41 -3.71 21.52 33.55
CA LEU H 41 -5.12 21.71 33.89
C LEU H 41 -5.32 21.78 35.40
N GLU H 42 -4.65 20.89 36.15
CA GLU H 42 -4.72 20.95 37.59
C GLU H 42 -4.03 22.19 38.14
N GLU H 43 -2.96 22.65 37.49
CA GLU H 43 -2.30 23.86 37.96
C GLU H 43 -3.19 25.08 37.74
N LYS H 44 -3.90 25.12 36.60
CA LYS H 44 -4.84 26.20 36.35
C LYS H 44 -5.96 26.21 37.38
N LYS H 45 -6.51 25.03 37.72
CA LYS H 45 -7.57 24.97 38.72
C LYS H 45 -7.04 25.35 40.10
N LYS H 46 -5.83 24.91 40.43
CA LYS H 46 -5.26 25.29 41.72
C LYS H 46 -4.89 26.78 41.77
N LEU H 47 -4.68 27.42 40.61
CA LEU H 47 -4.39 28.85 40.57
C LEU H 47 -5.65 29.71 40.60
N GLU H 48 -6.70 29.30 39.88
CA GLU H 48 -7.96 30.03 39.94
C GLU H 48 -8.58 29.96 41.32
N GLU H 49 -8.28 28.90 42.08
CA GLU H 49 -8.76 28.86 43.45
C GLU H 49 -8.04 29.89 44.30
N GLU H 50 -6.75 30.10 44.03
CA GLU H 50 -6.01 31.07 44.82
C GLU H 50 -6.31 32.51 44.43
N VAL H 51 -6.98 32.75 43.29
CA VAL H 51 -7.38 34.13 43.01
C VAL H 51 -8.69 34.47 43.71
N SER H 52 -9.68 33.57 43.77
CA SER H 52 -10.86 33.87 44.59
C SER H 52 -10.59 33.76 46.08
N LYS H 53 -9.58 32.98 46.49
CA LYS H 53 -9.19 32.94 47.90
C LYS H 53 -8.25 34.07 48.28
N LEU H 54 -7.68 34.79 47.30
CA LEU H 54 -6.97 36.02 47.56
C LEU H 54 -7.84 37.27 47.45
N ARG H 55 -8.96 37.21 46.73
CA ARG H 55 -9.82 38.37 46.58
C ARG H 55 -10.87 38.50 47.69
N SER H 56 -11.00 37.49 48.57
CA SER H 56 -11.77 37.58 49.79
C SER H 56 -10.88 37.47 51.01
N SER H 57 -9.55 37.62 50.83
CA SER H 57 -8.59 37.64 51.94
C SER H 57 -7.78 38.94 51.91
#